data_4EI7
#
_entry.id   4EI7
#
_cell.length_a   48.826
_cell.length_b   76.015
_cell.length_c   96.931
_cell.angle_alpha   90.000
_cell.angle_beta   104.590
_cell.angle_gamma   90.000
#
_symmetry.space_group_name_H-M   'P 1 21 1'
#
loop_
_entity.id
_entity.type
_entity.pdbx_description
1 polymer 'Plasmid replication protein RepX'
2 non-polymer "GUANOSINE-5'-DIPHOSPHATE"
3 water water
#
_entity_poly.entity_id   1
_entity_poly.type   'polypeptide(L)'
_entity_poly.pdbx_seq_one_letter_code
;MAGNFSEIESQGNISLKFGFLGLGMGGCAIAAECANKETQIKNNKYPYRAILVNTNSQDFNKIEIKNTGNVRKIQLEGYE
QGAARNPQVGEEAFVKHETKIFEAVKQEFEDRDFIWITCGLGGGTGTGALLKAIEMLYEHDYNFGLLLTLPRDAEALKVL
ENATSRIRSIAMNQEAFGSIVLIDNAKLYRKFEEENPSALANEYTSYSNKYIADALHEINLVTSSFTPFSDTHFDASEFA
QVINTPGVLSLAKLELKSNQLDTENPLGYLTQLGNALEKGVLYDTEREELESAKKSALSIVTSPLRAGRLYNFSFLNQME
NFLKERTPYVDERPIAPYVNKHTTKKEEDIVKFYSVVAGLPLPKRVSDIIDEITRIKEEREQANSKKSN
;
_entity_poly.pdbx_strand_id   A,B
#
loop_
_chem_comp.id
_chem_comp.type
_chem_comp.name
_chem_comp.formula
GDP RNA linking GUANOSINE-5'-DIPHOSPHATE 'C10 H15 N5 O11 P2'
#
# COMPACT_ATOMS: atom_id res chain seq x y z
N GLY A 3 -11.98 24.73 5.54
CA GLY A 3 -13.43 24.42 5.74
C GLY A 3 -13.93 24.94 7.07
N ASN A 4 -14.06 26.26 7.17
CA ASN A 4 -14.52 26.89 8.39
C ASN A 4 -16.00 27.24 8.29
N PHE A 5 -16.82 26.49 9.01
CA PHE A 5 -18.26 26.70 8.99
C PHE A 5 -18.69 27.35 10.29
N SER A 6 -17.74 27.95 11.00
CA SER A 6 -18.03 28.58 12.29
C SER A 6 -19.20 29.55 12.30
N GLU A 7 -19.18 30.51 11.37
CA GLU A 7 -20.25 31.49 11.28
C GLU A 7 -21.62 30.83 11.13
N ILE A 8 -21.70 29.90 10.19
CA ILE A 8 -22.95 29.22 9.91
C ILE A 8 -23.39 28.36 11.10
N GLU A 9 -22.45 27.63 11.68
CA GLU A 9 -22.80 26.78 12.81
C GLU A 9 -23.30 27.56 14.02
N SER A 10 -22.66 28.68 14.34
CA SER A 10 -23.08 29.46 15.51
C SER A 10 -24.54 29.88 15.43
N GLN A 11 -25.08 29.96 14.22
CA GLN A 11 -26.47 30.35 14.06
C GLN A 11 -27.30 29.23 13.45
N GLY A 12 -26.67 28.07 13.24
CA GLY A 12 -27.38 26.97 12.62
C GLY A 12 -27.46 25.66 13.35
N ASN A 13 -27.60 24.59 12.58
CA ASN A 13 -27.74 23.26 13.17
C ASN A 13 -27.54 22.21 12.08
N ILE A 14 -27.27 20.98 12.49
CA ILE A 14 -27.12 19.91 11.51
C ILE A 14 -28.47 19.19 11.42
N SER A 15 -28.77 18.64 10.25
CA SER A 15 -30.04 17.94 10.05
C SER A 15 -30.06 16.56 10.70
N LEU A 16 -28.97 15.82 10.53
CA LEU A 16 -28.90 14.46 11.05
C LEU A 16 -27.69 14.15 11.93
N LYS A 17 -27.93 13.40 13.00
CA LYS A 17 -26.87 13.01 13.91
C LYS A 17 -26.23 11.76 13.31
N PHE A 18 -25.18 11.99 12.52
CA PHE A 18 -24.48 10.90 11.86
C PHE A 18 -23.52 10.12 12.75
N GLY A 19 -23.48 8.81 12.50
CA GLY A 19 -22.55 7.92 13.17
C GLY A 19 -21.73 7.32 12.02
N PHE A 20 -20.45 7.01 12.26
CA PHE A 20 -19.62 6.42 11.21
C PHE A 20 -19.01 5.12 11.72
N LEU A 21 -19.17 4.05 10.94
CA LEU A 21 -18.58 2.76 11.31
C LEU A 21 -17.47 2.58 10.31
N GLY A 22 -16.25 2.85 10.76
CA GLY A 22 -15.08 2.72 9.91
C GLY A 22 -14.51 1.31 9.88
N LEU A 23 -14.14 0.86 8.70
CA LEU A 23 -13.58 -0.47 8.52
C LEU A 23 -12.27 -0.32 7.77
N GLY A 24 -11.19 -0.90 8.31
CA GLY A 24 -9.91 -0.79 7.63
C GLY A 24 -9.26 0.55 7.91
N MET A 25 -8.01 0.70 7.45
CA MET A 25 -7.28 1.94 7.69
C MET A 25 -7.94 3.20 7.12
N GLY A 26 -8.12 3.23 5.81
CA GLY A 26 -8.74 4.37 5.16
C GLY A 26 -10.13 4.70 5.68
N GLY A 27 -10.98 3.68 5.82
CA GLY A 27 -12.33 3.91 6.32
C GLY A 27 -12.28 4.48 7.72
N CYS A 28 -11.34 4.01 8.53
CA CYS A 28 -11.25 4.50 9.91
C CYS A 28 -10.70 5.93 9.95
N ALA A 29 -9.81 6.25 9.01
CA ALA A 29 -9.22 7.58 8.95
C ALA A 29 -10.29 8.60 8.58
N ILE A 30 -11.15 8.22 7.65
CA ILE A 30 -12.24 9.10 7.22
C ILE A 30 -13.26 9.18 8.34
N ALA A 31 -13.63 8.03 8.91
CA ALA A 31 -14.60 8.05 9.99
C ALA A 31 -14.07 8.94 11.13
N ALA A 32 -12.80 8.78 11.49
CA ALA A 32 -12.22 9.59 12.58
C ALA A 32 -12.24 11.08 12.22
N GLU A 33 -11.88 11.41 10.99
CA GLU A 33 -11.89 12.80 10.55
C GLU A 33 -13.30 13.41 10.77
N CYS A 34 -14.34 12.67 10.42
CA CYS A 34 -15.70 13.18 10.61
C CYS A 34 -16.09 13.24 12.09
N ALA A 35 -15.85 12.17 12.83
CA ALA A 35 -16.21 12.14 14.24
C ALA A 35 -15.46 13.15 15.10
N ASN A 36 -14.28 13.54 14.66
CA ASN A 36 -13.49 14.52 15.41
C ASN A 36 -13.81 15.97 15.06
N LYS A 37 -14.78 16.20 14.19
CA LYS A 37 -15.11 17.56 13.83
C LYS A 37 -15.70 18.32 15.00
N GLU A 38 -15.17 19.53 15.22
CA GLU A 38 -15.63 20.40 16.29
C GLU A 38 -16.45 21.50 15.62
N THR A 39 -17.59 21.87 16.21
CA THR A 39 -18.45 22.91 15.62
C THR A 39 -18.83 24.00 16.61
N GLN A 40 -19.40 25.08 16.08
CA GLN A 40 -19.85 26.18 16.90
C GLN A 40 -21.36 26.06 17.11
N ILE A 41 -21.90 24.86 16.89
CA ILE A 41 -23.33 24.65 17.08
C ILE A 41 -23.71 24.67 18.56
N LYS A 42 -24.74 25.43 18.90
CA LYS A 42 -25.17 25.56 20.29
C LYS A 42 -25.34 24.22 20.99
N ASN A 43 -24.59 24.02 22.06
CA ASN A 43 -24.68 22.80 22.86
C ASN A 43 -24.37 21.55 22.07
N ASN A 44 -23.52 21.66 21.05
CA ASN A 44 -23.17 20.50 20.25
C ASN A 44 -21.80 20.68 19.62
N LYS A 45 -20.77 20.71 20.47
CA LYS A 45 -19.41 20.88 20.01
C LYS A 45 -18.98 19.76 19.06
N TYR A 46 -19.32 18.53 19.43
CA TYR A 46 -18.96 17.34 18.64
C TYR A 46 -20.23 16.61 18.24
N PRO A 47 -20.80 16.96 17.09
CA PRO A 47 -22.02 16.35 16.61
C PRO A 47 -21.96 14.90 16.15
N TYR A 48 -20.78 14.44 15.75
CA TYR A 48 -20.66 13.08 15.21
C TYR A 48 -20.00 12.02 16.11
N ARG A 49 -20.35 10.76 15.88
CA ARG A 49 -19.80 9.64 16.63
C ARG A 49 -19.24 8.59 15.66
N ALA A 50 -18.28 7.81 16.15
CA ALA A 50 -17.69 6.77 15.32
C ALA A 50 -17.11 5.59 16.08
N ILE A 51 -17.15 4.44 15.42
CA ILE A 51 -16.59 3.20 15.93
C ILE A 51 -15.59 2.86 14.82
N LEU A 52 -14.31 2.74 15.17
CA LEU A 52 -13.29 2.44 14.18
C LEU A 52 -12.86 1.00 14.36
N VAL A 53 -13.15 0.17 13.34
CA VAL A 53 -12.79 -1.24 13.38
C VAL A 53 -11.62 -1.49 12.46
N ASN A 54 -10.53 -1.99 13.01
CA ASN A 54 -9.35 -2.28 12.20
C ASN A 54 -8.41 -3.23 12.92
N THR A 55 -7.46 -3.77 12.19
CA THR A 55 -6.50 -4.66 12.81
C THR A 55 -5.42 -3.78 13.41
N ASN A 56 -4.72 -4.33 14.40
CA ASN A 56 -3.67 -3.57 15.07
C ASN A 56 -2.54 -3.20 14.12
N SER A 57 -2.02 -2.00 14.30
CA SER A 57 -0.93 -1.53 13.48
C SER A 57 -0.50 -0.20 14.05
N GLN A 58 0.69 0.25 13.64
CA GLN A 58 1.22 1.50 14.09
C GLN A 58 0.33 2.61 13.53
N ASP A 59 -0.03 2.46 12.26
CA ASP A 59 -0.89 3.43 11.61
C ASP A 59 -2.22 3.56 12.35
N PHE A 60 -2.89 2.45 12.61
CA PHE A 60 -4.16 2.51 13.32
C PHE A 60 -4.00 3.18 14.68
N ASN A 61 -2.86 2.96 15.33
CA ASN A 61 -2.58 3.59 16.62
C ASN A 61 -2.38 5.07 16.37
N LYS A 62 -1.83 5.39 15.21
CA LYS A 62 -1.56 6.77 14.84
C LYS A 62 -2.80 7.60 14.55
N ILE A 63 -3.88 6.93 14.14
CA ILE A 63 -5.13 7.66 13.86
C ILE A 63 -5.48 8.41 15.14
N GLU A 64 -5.13 9.70 15.15
CA GLU A 64 -5.36 10.58 16.29
C GLU A 64 -6.52 10.25 17.22
N ILE A 65 -7.55 11.08 17.13
CA ILE A 65 -8.77 11.01 17.93
C ILE A 65 -8.85 12.23 18.85
N LYS A 66 -9.63 13.22 18.45
CA LYS A 66 -9.83 14.43 19.26
C LYS A 66 -11.12 14.26 20.05
N ASN A 67 -12.20 13.96 19.35
CA ASN A 67 -13.52 13.77 19.95
C ASN A 67 -13.56 12.56 20.88
N THR A 68 -13.26 12.81 22.15
CA THR A 68 -13.22 11.77 23.18
C THR A 68 -14.60 11.17 23.48
N GLY A 69 -14.61 9.90 23.86
CA GLY A 69 -15.85 9.23 24.19
C GLY A 69 -16.76 8.97 23.00
N ASN A 70 -16.76 9.89 22.05
CA ASN A 70 -17.59 9.76 20.87
C ASN A 70 -16.90 9.02 19.71
N VAL A 71 -15.66 8.60 19.96
CA VAL A 71 -14.90 7.84 18.99
C VAL A 71 -14.26 6.68 19.74
N ARG A 72 -14.63 5.46 19.37
CA ARG A 72 -14.07 4.27 20.01
C ARG A 72 -13.41 3.36 18.98
N LYS A 73 -12.23 2.85 19.33
CA LYS A 73 -11.52 1.94 18.44
C LYS A 73 -11.79 0.51 18.89
N ILE A 74 -12.06 -0.37 17.93
CA ILE A 74 -12.30 -1.77 18.21
C ILE A 74 -11.20 -2.49 17.43
N GLN A 75 -10.28 -3.12 18.14
CA GLN A 75 -9.17 -3.81 17.49
C GLN A 75 -9.43 -5.29 17.18
N LEU A 76 -9.32 -5.63 15.90
CA LEU A 76 -9.55 -6.99 15.42
C LEU A 76 -8.38 -7.91 15.75
N GLU A 77 -8.21 -8.19 17.04
CA GLU A 77 -7.12 -9.03 17.52
C GLU A 77 -6.95 -10.33 16.75
N GLY A 78 -5.69 -10.67 16.46
CA GLY A 78 -5.39 -11.89 15.76
C GLY A 78 -5.50 -11.93 14.24
N TYR A 79 -6.08 -10.90 13.63
CA TYR A 79 -6.20 -10.92 12.18
C TYR A 79 -5.38 -9.89 11.42
N GLU A 80 -4.37 -9.32 12.07
CA GLU A 80 -3.48 -8.33 11.43
C GLU A 80 -3.07 -8.97 10.11
N GLN A 81 -3.28 -8.24 9.01
CA GLN A 81 -3.02 -8.78 7.69
C GLN A 81 -1.76 -8.33 6.96
N GLY A 82 -1.13 -7.26 7.43
CA GLY A 82 0.05 -6.78 6.75
C GLY A 82 -0.39 -6.22 5.39
N ALA A 83 0.44 -6.40 4.37
CA ALA A 83 0.14 -5.91 3.02
C ALA A 83 -0.47 -7.01 2.15
N ALA A 84 -1.01 -8.05 2.78
CA ALA A 84 -1.61 -9.15 2.05
C ALA A 84 -2.77 -8.72 1.15
N ARG A 85 -3.43 -7.61 1.48
CA ARG A 85 -4.54 -7.13 0.65
C ARG A 85 -5.52 -8.29 0.37
N ASN A 86 -5.86 -9.06 1.39
CA ASN A 86 -6.76 -10.22 1.27
C ASN A 86 -8.10 -10.00 1.98
N PRO A 87 -9.18 -9.79 1.22
CA PRO A 87 -10.52 -9.57 1.80
C PRO A 87 -11.04 -10.74 2.63
N GLN A 88 -10.70 -11.95 2.24
CA GLN A 88 -11.19 -13.12 2.96
C GLN A 88 -10.78 -13.07 4.43
N VAL A 89 -9.58 -12.54 4.69
CA VAL A 89 -9.09 -12.42 6.05
C VAL A 89 -9.85 -11.33 6.82
N GLY A 90 -10.14 -10.23 6.13
CA GLY A 90 -10.87 -9.14 6.74
C GLY A 90 -12.25 -9.65 7.12
N GLU A 91 -12.81 -10.48 6.25
CA GLU A 91 -14.13 -11.05 6.49
C GLU A 91 -14.12 -11.92 7.76
N GLU A 92 -13.14 -12.81 7.84
CA GLU A 92 -13.05 -13.69 9.00
C GLU A 92 -12.86 -12.88 10.27
N ALA A 93 -12.02 -11.86 10.19
CA ALA A 93 -11.77 -11.00 11.35
C ALA A 93 -13.07 -10.44 11.89
N PHE A 94 -13.84 -9.80 11.02
CA PHE A 94 -15.10 -9.20 11.44
C PHE A 94 -16.06 -10.20 12.09
N VAL A 95 -16.23 -11.35 11.45
CA VAL A 95 -17.11 -12.39 11.98
C VAL A 95 -16.66 -12.85 13.36
N LYS A 96 -15.36 -13.08 13.52
CA LYS A 96 -14.83 -13.53 14.79
C LYS A 96 -15.12 -12.55 15.94
N HIS A 97 -15.04 -11.27 15.63
CA HIS A 97 -15.24 -10.25 16.63
C HIS A 97 -16.60 -9.55 16.59
N GLU A 98 -17.53 -10.12 15.82
CA GLU A 98 -18.86 -9.53 15.66
C GLU A 98 -19.61 -9.15 16.93
N THR A 99 -19.53 -9.99 17.95
CA THR A 99 -20.26 -9.69 19.18
C THR A 99 -19.72 -8.44 19.86
N LYS A 100 -18.39 -8.34 19.92
CA LYS A 100 -17.72 -7.20 20.55
C LYS A 100 -17.99 -5.93 19.76
N ILE A 101 -17.98 -6.07 18.44
CA ILE A 101 -18.22 -4.97 17.53
C ILE A 101 -19.65 -4.46 17.68
N PHE A 102 -20.62 -5.36 17.64
CA PHE A 102 -21.99 -4.89 17.77
C PHE A 102 -22.30 -4.29 19.13
N GLU A 103 -21.72 -4.83 20.20
CA GLU A 103 -21.96 -4.25 21.52
C GLU A 103 -21.50 -2.78 21.46
N ALA A 104 -20.37 -2.55 20.79
CA ALA A 104 -19.81 -1.20 20.63
C ALA A 104 -20.73 -0.34 19.77
N VAL A 105 -21.20 -0.92 18.66
CA VAL A 105 -22.10 -0.19 17.77
C VAL A 105 -23.41 0.12 18.51
N LYS A 106 -23.95 -0.86 19.22
CA LYS A 106 -25.19 -0.67 19.97
C LYS A 106 -25.14 0.51 20.93
N GLN A 107 -24.07 0.59 21.72
CA GLN A 107 -23.93 1.66 22.70
C GLN A 107 -23.61 3.04 22.11
N GLU A 108 -22.64 3.09 21.21
CA GLU A 108 -22.22 4.35 20.61
C GLU A 108 -23.23 5.02 19.70
N PHE A 109 -24.01 4.22 18.99
CA PHE A 109 -24.97 4.80 18.05
C PHE A 109 -26.42 4.90 18.49
N GLU A 110 -26.68 4.69 19.77
CA GLU A 110 -28.05 4.75 20.30
C GLU A 110 -28.81 6.02 19.95
N ASP A 111 -28.12 7.15 19.91
CA ASP A 111 -28.76 8.42 19.62
C ASP A 111 -28.60 8.88 18.17
N ARG A 112 -28.07 8.01 17.31
CA ARG A 112 -27.85 8.37 15.91
C ARG A 112 -29.09 8.30 14.99
N ASP A 113 -29.08 9.11 13.95
CA ASP A 113 -30.17 9.13 12.98
C ASP A 113 -29.81 8.30 11.77
N PHE A 114 -28.52 8.24 11.46
CA PHE A 114 -28.06 7.53 10.27
C PHE A 114 -26.60 7.16 10.42
N ILE A 115 -26.26 5.94 10.01
CA ILE A 115 -24.88 5.45 10.10
C ILE A 115 -24.22 5.28 8.72
N TRP A 116 -22.98 5.75 8.59
CA TRP A 116 -22.23 5.60 7.35
C TRP A 116 -21.17 4.52 7.53
N ILE A 117 -21.30 3.39 6.83
CA ILE A 117 -20.28 2.34 6.94
C ILE A 117 -19.24 2.93 6.00
N THR A 118 -18.09 3.29 6.57
CA THR A 118 -17.02 3.98 5.84
C THR A 118 -15.88 3.05 5.51
N CYS A 119 -15.54 2.96 4.23
CA CYS A 119 -14.52 2.02 3.83
C CYS A 119 -13.77 2.38 2.57
N GLY A 120 -12.45 2.19 2.60
CA GLY A 120 -11.66 2.47 1.42
C GLY A 120 -11.66 1.15 0.66
N LEU A 121 -12.26 1.13 -0.53
CA LEU A 121 -12.33 -0.12 -1.29
C LEU A 121 -10.98 -0.49 -1.89
N GLY A 122 -10.58 -1.73 -1.71
CA GLY A 122 -9.31 -2.17 -2.25
C GLY A 122 -8.43 -2.89 -1.25
N GLY A 123 -8.55 -2.53 0.03
CA GLY A 123 -7.75 -3.16 1.07
C GLY A 123 -8.21 -4.55 1.46
N GLY A 124 -7.60 -5.09 2.51
CA GLY A 124 -7.95 -6.42 2.98
C GLY A 124 -8.98 -6.38 4.09
N THR A 125 -8.62 -5.72 5.18
CA THR A 125 -9.50 -5.60 6.34
C THR A 125 -10.84 -4.94 6.04
N GLY A 126 -10.79 -3.70 5.55
CA GLY A 126 -12.00 -2.96 5.27
C GLY A 126 -12.90 -3.61 4.25
N THR A 127 -12.35 -3.87 3.08
CA THR A 127 -13.10 -4.48 2.00
C THR A 127 -13.65 -5.83 2.45
N GLY A 128 -12.81 -6.59 3.13
CA GLY A 128 -13.21 -7.90 3.59
C GLY A 128 -14.37 -7.87 4.57
N ALA A 129 -14.35 -6.91 5.49
CA ALA A 129 -15.40 -6.79 6.50
C ALA A 129 -16.67 -6.11 6.02
N LEU A 130 -16.58 -5.36 4.93
CA LEU A 130 -17.73 -4.60 4.42
C LEU A 130 -19.08 -5.29 4.34
N LEU A 131 -19.18 -6.41 3.63
CA LEU A 131 -20.47 -7.09 3.50
C LEU A 131 -21.01 -7.56 4.84
N LYS A 132 -20.13 -8.06 5.69
CA LYS A 132 -20.51 -8.54 7.01
C LYS A 132 -21.04 -7.37 7.85
N ALA A 133 -20.38 -6.23 7.74
CA ALA A 133 -20.79 -5.05 8.50
C ALA A 133 -22.18 -4.60 8.04
N ILE A 134 -22.42 -4.69 6.74
CA ILE A 134 -23.72 -4.34 6.16
C ILE A 134 -24.81 -5.28 6.68
N GLU A 135 -24.49 -6.57 6.79
CA GLU A 135 -25.46 -7.55 7.26
C GLU A 135 -25.78 -7.26 8.70
N MET A 136 -24.76 -6.91 9.47
CA MET A 136 -24.93 -6.60 10.88
C MET A 136 -25.90 -5.45 11.08
N LEU A 137 -25.63 -4.32 10.42
CA LEU A 137 -26.50 -3.16 10.59
C LEU A 137 -27.88 -3.44 10.05
N TYR A 138 -27.95 -4.23 8.98
CA TYR A 138 -29.23 -4.54 8.36
C TYR A 138 -30.05 -5.42 9.30
N GLU A 139 -29.41 -6.47 9.81
CA GLU A 139 -30.08 -7.41 10.71
C GLU A 139 -30.66 -6.74 11.96
N HIS A 140 -29.99 -5.70 12.44
CA HIS A 140 -30.41 -4.96 13.62
C HIS A 140 -31.23 -3.71 13.31
N ASP A 141 -31.67 -3.63 12.06
CA ASP A 141 -32.53 -2.57 11.55
C ASP A 141 -32.06 -1.11 11.71
N TYR A 142 -30.77 -0.86 11.50
CA TYR A 142 -30.28 0.52 11.56
C TYR A 142 -30.56 1.20 10.23
N ASN A 143 -30.64 2.52 10.26
CA ASN A 143 -30.80 3.31 9.03
C ASN A 143 -29.34 3.56 8.64
N PHE A 144 -28.88 3.01 7.53
CA PHE A 144 -27.49 3.22 7.19
C PHE A 144 -27.20 3.31 5.69
N GLY A 145 -26.02 3.84 5.38
CA GLY A 145 -25.59 3.95 4.00
C GLY A 145 -24.12 3.60 3.96
N LEU A 146 -23.49 3.77 2.80
CA LEU A 146 -22.09 3.45 2.62
C LEU A 146 -21.31 4.69 2.18
N LEU A 147 -20.14 4.92 2.78
CA LEU A 147 -19.27 6.05 2.42
C LEU A 147 -18.02 5.32 1.91
N LEU A 148 -17.87 5.24 0.60
CA LEU A 148 -16.78 4.45 0.01
C LEU A 148 -15.81 5.14 -0.93
N THR A 149 -14.52 4.85 -0.79
CA THR A 149 -13.56 5.42 -1.75
C THR A 149 -13.20 4.38 -2.80
N LEU A 150 -12.91 4.85 -4.02
CA LEU A 150 -12.47 3.97 -5.12
C LEU A 150 -10.98 4.29 -5.26
N PRO A 151 -10.13 3.26 -5.42
CA PRO A 151 -8.68 3.41 -5.57
C PRO A 151 -8.13 4.02 -6.88
N ARG A 152 -6.91 4.59 -6.80
CA ARG A 152 -6.23 5.17 -7.97
C ARG A 152 -5.57 4.02 -8.73
N ASP A 153 -5.38 4.20 -10.04
CA ASP A 153 -4.74 3.15 -10.85
C ASP A 153 -3.39 2.66 -10.31
N ALA A 154 -2.55 3.57 -9.80
CA ALA A 154 -1.24 3.23 -9.28
C ALA A 154 -1.24 2.20 -8.16
N GLU A 155 -2.39 2.03 -7.50
CA GLU A 155 -2.50 1.05 -6.42
C GLU A 155 -2.37 -0.38 -6.97
N ALA A 156 -2.49 -0.49 -8.29
CA ALA A 156 -2.31 -1.73 -9.02
C ALA A 156 -3.34 -2.84 -8.92
N LEU A 157 -3.07 -3.92 -9.66
CA LEU A 157 -3.97 -5.07 -9.79
C LEU A 157 -4.77 -5.62 -8.61
N LYS A 158 -4.11 -6.08 -7.56
CA LYS A 158 -4.85 -6.66 -6.44
C LYS A 158 -5.87 -5.71 -5.79
N VAL A 159 -5.43 -4.49 -5.51
CA VAL A 159 -6.31 -3.50 -4.90
C VAL A 159 -7.47 -3.15 -5.82
N LEU A 160 -7.21 -3.06 -7.13
CA LEU A 160 -8.29 -2.76 -8.09
C LEU A 160 -9.29 -3.91 -8.17
N GLU A 161 -8.81 -5.15 -8.14
CA GLU A 161 -9.71 -6.31 -8.19
C GLU A 161 -10.51 -6.37 -6.89
N ASN A 162 -9.85 -6.10 -5.77
CA ASN A 162 -10.55 -6.12 -4.48
C ASN A 162 -11.73 -5.16 -4.50
N ALA A 163 -11.48 -3.95 -5.00
CA ALA A 163 -12.51 -2.91 -5.08
C ALA A 163 -13.63 -3.25 -6.04
N THR A 164 -13.25 -3.74 -7.22
CA THR A 164 -14.20 -4.13 -8.26
C THR A 164 -15.15 -5.20 -7.75
N SER A 165 -14.59 -6.19 -7.06
CA SER A 165 -15.36 -7.29 -6.50
C SER A 165 -16.46 -6.83 -5.55
N ARG A 166 -16.13 -5.95 -4.61
CA ARG A 166 -17.12 -5.48 -3.64
C ARG A 166 -18.13 -4.51 -4.21
N ILE A 167 -17.65 -3.62 -5.07
CA ILE A 167 -18.52 -2.62 -5.68
C ILE A 167 -19.63 -3.32 -6.44
N ARG A 168 -19.26 -4.42 -7.10
CA ARG A 168 -20.20 -5.21 -7.87
C ARG A 168 -21.29 -5.79 -6.97
N SER A 169 -20.85 -6.42 -5.87
CA SER A 169 -21.76 -7.04 -4.90
C SER A 169 -22.64 -6.01 -4.22
N ILE A 170 -22.09 -4.82 -4.00
CA ILE A 170 -22.83 -3.74 -3.37
C ILE A 170 -24.01 -3.31 -4.24
N ALA A 171 -23.71 -3.02 -5.49
CA ALA A 171 -24.73 -2.59 -6.44
C ALA A 171 -25.82 -3.66 -6.60
N MET A 172 -25.44 -4.93 -6.62
CA MET A 172 -26.43 -6.00 -6.77
C MET A 172 -27.40 -6.01 -5.58
N ASN A 173 -26.88 -5.75 -4.38
CA ASN A 173 -27.70 -5.75 -3.16
C ASN A 173 -28.07 -4.36 -2.65
N GLN A 174 -27.93 -3.34 -3.49
CA GLN A 174 -28.19 -1.96 -3.03
C GLN A 174 -29.57 -1.66 -2.45
N GLU A 175 -30.58 -2.41 -2.86
CA GLU A 175 -31.92 -2.14 -2.35
C GLU A 175 -32.05 -2.41 -0.85
N ALA A 176 -31.07 -3.12 -0.29
CA ALA A 176 -31.09 -3.46 1.13
C ALA A 176 -30.72 -2.33 2.07
N PHE A 177 -30.18 -1.23 1.54
CA PHE A 177 -29.78 -0.14 2.41
C PHE A 177 -29.85 1.24 1.76
N GLY A 178 -29.39 2.26 2.49
CA GLY A 178 -29.41 3.63 2.02
C GLY A 178 -28.38 4.02 0.98
N SER A 179 -28.21 5.33 0.81
CA SER A 179 -27.31 5.86 -0.18
C SER A 179 -25.86 5.39 -0.11
N ILE A 180 -25.24 5.36 -1.29
CA ILE A 180 -23.86 4.95 -1.47
C ILE A 180 -23.11 6.20 -1.94
N VAL A 181 -22.45 6.87 -0.99
CA VAL A 181 -21.72 8.10 -1.31
C VAL A 181 -20.34 7.65 -1.74
N LEU A 182 -20.13 7.67 -3.05
CA LEU A 182 -18.86 7.26 -3.63
C LEU A 182 -17.86 8.40 -3.67
N ILE A 183 -16.60 8.06 -3.45
CA ILE A 183 -15.51 9.04 -3.44
C ILE A 183 -14.47 8.51 -4.43
N ASP A 184 -14.16 9.27 -5.46
CA ASP A 184 -13.18 8.84 -6.44
C ASP A 184 -11.83 9.40 -6.03
N ASN A 185 -10.95 8.54 -5.51
CA ASN A 185 -9.64 9.00 -5.08
C ASN A 185 -8.81 9.55 -6.24
N ALA A 186 -9.01 8.98 -7.42
CA ALA A 186 -8.27 9.45 -8.60
C ALA A 186 -8.67 10.90 -8.85
N LYS A 187 -9.99 11.15 -8.82
CA LYS A 187 -10.54 12.50 -9.03
C LYS A 187 -10.02 13.49 -8.00
N LEU A 188 -10.04 13.10 -6.73
CA LEU A 188 -9.58 14.00 -5.68
C LEU A 188 -8.08 14.20 -5.70
N TYR A 189 -7.35 13.18 -6.16
CA TYR A 189 -5.91 13.32 -6.22
C TYR A 189 -5.61 14.41 -7.26
N ARG A 190 -6.26 14.30 -8.42
CA ARG A 190 -6.08 15.27 -9.48
C ARG A 190 -6.51 16.66 -9.02
N LYS A 191 -7.65 16.72 -8.34
CA LYS A 191 -8.16 17.99 -7.83
C LYS A 191 -7.09 18.66 -6.96
N PHE A 192 -6.45 17.86 -6.11
CA PHE A 192 -5.42 18.39 -5.23
C PHE A 192 -4.25 18.98 -6.01
N GLU A 193 -3.71 18.22 -6.96
CA GLU A 193 -2.58 18.68 -7.77
C GLU A 193 -2.87 19.99 -8.48
N GLU A 194 -4.06 20.08 -9.07
CA GLU A 194 -4.47 21.25 -9.83
C GLU A 194 -4.66 22.53 -9.03
N GLU A 195 -5.19 22.41 -7.82
CA GLU A 195 -5.42 23.58 -7.00
C GLU A 195 -4.23 23.87 -6.12
N ASN A 196 -3.32 22.91 -6.07
CA ASN A 196 -2.10 23.02 -5.27
C ASN A 196 -0.97 22.42 -6.10
N PRO A 197 -0.68 23.03 -7.26
CA PRO A 197 0.39 22.55 -8.15
C PRO A 197 1.72 22.36 -7.47
N SER A 198 2.04 23.23 -6.52
CA SER A 198 3.31 23.14 -5.81
C SER A 198 3.17 22.38 -4.49
N ALA A 199 2.08 21.62 -4.37
CA ALA A 199 1.84 20.84 -3.16
C ALA A 199 2.70 19.58 -3.18
N LEU A 200 3.04 19.07 -2.01
CA LEU A 200 3.84 17.86 -1.90
C LEU A 200 2.94 16.70 -1.50
N ALA A 201 3.39 15.48 -1.81
CA ALA A 201 2.63 14.27 -1.51
C ALA A 201 2.24 14.08 -0.05
N ASN A 202 2.99 14.71 0.87
CA ASN A 202 2.70 14.59 2.29
C ASN A 202 1.42 15.30 2.72
N GLU A 203 0.83 16.09 1.83
CA GLU A 203 -0.38 16.83 2.20
C GLU A 203 -1.69 16.29 1.64
N TYR A 204 -1.63 15.25 0.79
CA TYR A 204 -2.85 14.71 0.18
C TYR A 204 -3.84 13.98 1.10
N THR A 205 -3.38 12.99 1.85
CA THR A 205 -4.28 12.23 2.71
C THR A 205 -5.14 13.11 3.62
N SER A 206 -4.49 14.01 4.35
CA SER A 206 -5.18 14.93 5.26
C SER A 206 -6.20 15.78 4.49
N TYR A 207 -5.76 16.29 3.36
CA TYR A 207 -6.60 17.11 2.49
C TYR A 207 -7.86 16.38 2.05
N SER A 208 -7.69 15.16 1.52
CA SER A 208 -8.83 14.39 1.04
C SER A 208 -9.78 13.99 2.15
N ASN A 209 -9.24 13.59 3.30
CA ASN A 209 -10.12 13.23 4.41
C ASN A 209 -10.90 14.43 4.93
N LYS A 210 -10.24 15.58 5.05
CA LYS A 210 -10.93 16.78 5.51
C LYS A 210 -11.93 17.24 4.47
N TYR A 211 -11.56 17.11 3.20
CA TYR A 211 -12.42 17.50 2.10
C TYR A 211 -13.71 16.66 2.11
N ILE A 212 -13.58 15.37 2.41
CA ILE A 212 -14.74 14.47 2.44
C ILE A 212 -15.63 14.83 3.61
N ALA A 213 -15.03 14.92 4.80
CA ALA A 213 -15.78 15.26 6.01
C ALA A 213 -16.48 16.61 5.88
N ASP A 214 -15.81 17.57 5.27
CA ASP A 214 -16.39 18.89 5.08
C ASP A 214 -17.56 18.85 4.11
N ALA A 215 -17.49 18.00 3.09
CA ALA A 215 -18.58 17.95 2.12
C ALA A 215 -19.86 17.35 2.71
N LEU A 216 -19.70 16.35 3.57
CA LEU A 216 -20.84 15.71 4.21
C LEU A 216 -21.44 16.63 5.29
N HIS A 217 -20.58 17.20 6.12
CA HIS A 217 -20.99 18.11 7.17
C HIS A 217 -21.68 19.34 6.58
N GLU A 218 -21.12 19.86 5.48
CA GLU A 218 -21.69 21.05 4.87
C GLU A 218 -23.12 20.84 4.41
N ILE A 219 -23.41 19.73 3.70
CA ILE A 219 -24.78 19.55 3.24
C ILE A 219 -25.69 19.29 4.44
N ASN A 220 -25.14 18.66 5.48
CA ASN A 220 -25.88 18.38 6.71
C ASN A 220 -26.23 19.73 7.39
N LEU A 221 -25.32 20.70 7.29
CA LEU A 221 -25.54 22.03 7.88
C LEU A 221 -26.50 22.89 7.06
N VAL A 222 -26.26 22.94 5.76
CA VAL A 222 -27.07 23.74 4.85
C VAL A 222 -28.54 23.42 4.92
N THR A 223 -28.85 22.16 5.19
CA THR A 223 -30.24 21.77 5.21
C THR A 223 -30.98 22.11 6.49
N SER A 224 -30.29 22.67 7.48
CA SER A 224 -30.98 23.04 8.74
C SER A 224 -30.49 24.36 9.35
N SER A 225 -29.67 25.12 8.63
CA SER A 225 -29.10 26.36 9.19
C SER A 225 -29.58 27.69 8.62
N PHE A 226 -30.38 27.67 7.58
CA PHE A 226 -30.79 28.93 6.97
C PHE A 226 -32.30 29.17 6.97
N THR A 227 -32.70 30.39 6.60
CA THR A 227 -34.11 30.73 6.57
C THR A 227 -34.72 30.50 5.19
N PRO A 228 -35.77 29.67 5.11
CA PRO A 228 -36.39 29.41 3.80
C PRO A 228 -37.05 30.68 3.30
N PHE A 229 -36.88 30.98 2.02
CA PHE A 229 -37.45 32.17 1.41
C PHE A 229 -38.89 31.90 1.04
N SER A 230 -39.20 30.63 0.79
CA SER A 230 -40.54 30.22 0.39
C SER A 230 -41.01 28.97 1.10
N ASP A 231 -42.12 28.42 0.63
CA ASP A 231 -42.69 27.20 1.21
C ASP A 231 -42.06 25.92 0.69
N THR A 232 -41.16 26.02 -0.30
CA THR A 232 -40.50 24.80 -0.79
C THR A 232 -39.21 24.65 0.00
N HIS A 233 -39.07 23.52 0.67
CA HIS A 233 -37.91 23.32 1.51
C HIS A 233 -37.09 22.08 1.17
N PHE A 234 -35.84 22.10 1.61
CA PHE A 234 -34.95 20.95 1.49
C PHE A 234 -34.38 20.96 2.90
N ASP A 235 -35.22 20.52 3.85
CA ASP A 235 -34.88 20.50 5.26
C ASP A 235 -34.41 19.14 5.74
N ALA A 236 -34.24 19.00 7.06
CA ALA A 236 -33.78 17.75 7.64
C ALA A 236 -34.59 16.55 7.16
N SER A 237 -35.91 16.70 7.16
CA SER A 237 -36.78 15.59 6.73
C SER A 237 -36.49 15.15 5.30
N GLU A 238 -36.50 16.10 4.37
CA GLU A 238 -36.21 15.79 2.97
C GLU A 238 -34.79 15.25 2.80
N PHE A 239 -33.82 15.79 3.54
CA PHE A 239 -32.46 15.32 3.45
C PHE A 239 -32.40 13.86 3.87
N ALA A 240 -33.09 13.51 4.95
CA ALA A 240 -33.09 12.13 5.41
C ALA A 240 -33.72 11.23 4.36
N GLN A 241 -34.76 11.73 3.70
CA GLN A 241 -35.42 10.94 2.67
C GLN A 241 -34.43 10.63 1.55
N VAL A 242 -33.64 11.63 1.18
CA VAL A 242 -32.67 11.43 0.11
C VAL A 242 -31.51 10.50 0.49
N ILE A 243 -30.93 10.72 1.66
CA ILE A 243 -29.80 9.92 2.14
C ILE A 243 -30.18 8.45 2.35
N ASN A 244 -31.46 8.20 2.62
CA ASN A 244 -31.94 6.84 2.81
C ASN A 244 -32.38 6.16 1.52
N THR A 245 -32.23 6.84 0.39
CA THR A 245 -32.60 6.28 -0.91
C THR A 245 -31.49 5.35 -1.42
N PRO A 246 -31.82 4.10 -1.80
CA PRO A 246 -30.82 3.13 -2.30
C PRO A 246 -30.10 3.64 -3.55
N GLY A 247 -28.88 3.18 -3.76
CA GLY A 247 -28.15 3.61 -4.94
C GLY A 247 -27.11 4.66 -4.66
N VAL A 248 -26.39 5.07 -5.70
CA VAL A 248 -25.34 6.06 -5.55
C VAL A 248 -25.90 7.46 -5.35
N LEU A 249 -25.20 8.24 -4.53
CA LEU A 249 -25.61 9.59 -4.23
C LEU A 249 -24.49 10.55 -4.63
N SER A 250 -24.88 11.59 -5.35
CA SER A 250 -23.97 12.57 -5.86
C SER A 250 -24.25 13.96 -5.27
N LEU A 251 -23.19 14.65 -4.87
CA LEU A 251 -23.30 16.00 -4.28
C LEU A 251 -22.69 17.01 -5.27
N ALA A 252 -23.20 18.24 -5.26
CA ALA A 252 -22.65 19.28 -6.11
C ALA A 252 -22.77 20.60 -5.35
N LYS A 253 -21.86 21.51 -5.66
CA LYS A 253 -21.83 22.83 -5.03
C LYS A 253 -21.21 23.82 -6.00
N LEU A 254 -21.86 24.97 -6.15
CA LEU A 254 -21.39 26.03 -7.04
C LEU A 254 -21.57 27.38 -6.33
N GLU A 255 -20.52 28.21 -6.34
CA GLU A 255 -20.63 29.54 -5.74
C GLU A 255 -20.42 30.54 -6.88
N LEU A 256 -21.37 31.46 -7.06
CA LEU A 256 -21.27 32.48 -8.11
C LEU A 256 -21.44 33.87 -7.51
N LYS A 257 -20.87 34.88 -8.16
CA LYS A 257 -21.05 36.25 -7.69
C LYS A 257 -22.36 36.68 -8.33
N SER A 258 -23.12 37.53 -7.65
CA SER A 258 -24.42 37.98 -8.13
C SER A 258 -24.45 38.47 -9.57
N ASN A 259 -23.37 39.07 -10.03
CA ASN A 259 -23.31 39.59 -11.39
C ASN A 259 -23.08 38.53 -12.46
N GLN A 260 -22.75 37.31 -12.05
CA GLN A 260 -22.50 36.23 -13.01
C GLN A 260 -23.75 35.39 -13.19
N LEU A 261 -24.78 35.73 -12.42
CA LEU A 261 -26.06 35.03 -12.47
C LEU A 261 -27.05 35.99 -13.12
N ASP A 262 -27.21 35.85 -14.43
CA ASP A 262 -28.11 36.72 -15.21
C ASP A 262 -29.43 36.03 -15.56
N THR A 263 -30.52 36.45 -14.93
CA THR A 263 -31.82 35.82 -15.19
C THR A 263 -32.44 36.17 -16.54
N GLU A 264 -31.93 37.20 -17.20
CA GLU A 264 -32.43 37.60 -18.52
C GLU A 264 -31.69 36.80 -19.59
N ASN A 265 -30.50 36.32 -19.22
CA ASN A 265 -29.63 35.55 -20.10
C ASN A 265 -29.05 34.43 -19.23
N PRO A 266 -29.88 33.44 -18.88
CA PRO A 266 -29.58 32.28 -18.04
C PRO A 266 -28.60 31.23 -18.54
N LEU A 267 -28.32 31.20 -19.85
CA LEU A 267 -27.42 30.19 -20.37
C LEU A 267 -26.06 30.16 -19.66
N GLY A 268 -25.52 31.34 -19.38
CA GLY A 268 -24.23 31.41 -18.71
C GLY A 268 -24.16 30.69 -17.37
N TYR A 269 -25.01 31.08 -16.42
CA TYR A 269 -24.98 30.47 -15.10
C TYR A 269 -25.59 29.06 -15.11
N LEU A 270 -26.56 28.79 -15.98
CA LEU A 270 -27.13 27.46 -16.03
C LEU A 270 -26.09 26.44 -16.50
N THR A 271 -25.20 26.90 -17.38
CA THR A 271 -24.14 26.03 -17.91
C THR A 271 -23.16 25.73 -16.78
N GLN A 272 -22.83 26.72 -15.97
CA GLN A 272 -21.91 26.52 -14.85
C GLN A 272 -22.53 25.54 -13.84
N LEU A 273 -23.82 25.66 -13.60
CA LEU A 273 -24.51 24.77 -12.67
C LEU A 273 -24.48 23.36 -13.25
N GLY A 274 -24.72 23.25 -14.55
CA GLY A 274 -24.73 21.94 -15.20
C GLY A 274 -23.37 21.28 -15.06
N ASN A 275 -22.31 22.06 -15.25
CA ASN A 275 -20.97 21.51 -15.14
C ASN A 275 -20.65 21.12 -13.70
N ALA A 276 -21.16 21.88 -12.73
CA ALA A 276 -20.94 21.56 -11.32
C ALA A 276 -21.62 20.26 -10.92
N LEU A 277 -22.79 20.00 -11.48
CA LEU A 277 -23.50 18.78 -11.17
C LEU A 277 -22.79 17.54 -11.70
N GLU A 278 -22.15 17.67 -12.86
CA GLU A 278 -21.44 16.53 -13.45
C GLU A 278 -20.07 16.36 -12.79
N LYS A 279 -19.35 17.47 -12.64
CA LYS A 279 -18.06 17.43 -11.96
C LYS A 279 -18.38 17.64 -10.48
N GLY A 280 -19.01 16.63 -9.89
CA GLY A 280 -19.43 16.67 -8.50
C GLY A 280 -18.40 16.86 -7.41
N VAL A 281 -18.88 16.88 -6.17
CA VAL A 281 -17.96 17.07 -5.07
C VAL A 281 -17.01 15.89 -4.86
N LEU A 282 -17.56 14.68 -4.76
CA LEU A 282 -16.76 13.49 -4.47
C LEU A 282 -16.45 12.55 -5.63
N TYR A 283 -17.28 12.57 -6.68
CA TYR A 283 -17.01 11.74 -7.86
C TYR A 283 -17.57 12.44 -9.10
N ASP A 284 -17.21 11.98 -10.29
CA ASP A 284 -17.71 12.60 -11.52
C ASP A 284 -18.84 11.80 -12.16
N THR A 285 -19.95 12.47 -12.43
CA THR A 285 -21.09 11.82 -13.05
C THR A 285 -21.34 12.46 -14.40
N GLU A 286 -22.38 12.00 -15.09
CA GLU A 286 -22.71 12.57 -16.39
C GLU A 286 -24.21 12.55 -16.59
N ARG A 287 -24.69 13.25 -17.62
CA ARG A 287 -26.13 13.34 -17.88
C ARG A 287 -26.85 12.02 -17.92
N GLU A 288 -26.23 11.04 -18.58
CA GLU A 288 -26.81 9.72 -18.71
C GLU A 288 -27.11 9.09 -17.35
N GLU A 289 -26.20 9.31 -16.40
CA GLU A 289 -26.39 8.76 -15.05
C GLU A 289 -27.48 9.52 -14.30
N LEU A 290 -27.38 10.84 -14.32
CA LEU A 290 -28.34 11.72 -13.64
C LEU A 290 -29.77 11.48 -14.08
N GLU A 291 -29.95 11.23 -15.37
CA GLU A 291 -31.28 10.98 -15.92
C GLU A 291 -32.06 9.90 -15.17
N SER A 292 -31.37 8.92 -14.63
CA SER A 292 -32.08 7.85 -13.92
C SER A 292 -32.20 8.03 -12.42
N ALA A 293 -31.93 9.25 -11.95
CA ALA A 293 -32.02 9.55 -10.52
C ALA A 293 -33.42 9.25 -9.99
N LYS A 294 -33.49 8.82 -8.73
CA LYS A 294 -34.77 8.51 -8.10
C LYS A 294 -35.25 9.72 -7.31
N LYS A 295 -34.31 10.50 -6.80
CA LYS A 295 -34.64 11.69 -6.04
C LYS A 295 -33.58 12.76 -6.29
N SER A 296 -33.97 14.01 -6.13
CA SER A 296 -33.03 15.13 -6.30
C SER A 296 -33.59 16.34 -5.57
N ALA A 297 -32.69 17.22 -5.17
CA ALA A 297 -33.06 18.43 -4.45
C ALA A 297 -31.93 19.43 -4.65
N LEU A 298 -32.29 20.71 -4.76
CA LEU A 298 -31.33 21.76 -4.99
C LEU A 298 -31.70 22.94 -4.08
N SER A 299 -30.74 23.41 -3.30
CA SER A 299 -30.95 24.57 -2.42
C SER A 299 -30.09 25.70 -2.91
N ILE A 300 -30.61 26.92 -2.78
CA ILE A 300 -29.86 28.10 -3.18
C ILE A 300 -29.82 28.97 -1.92
N VAL A 301 -28.65 29.55 -1.64
CA VAL A 301 -28.51 30.39 -0.47
C VAL A 301 -27.82 31.68 -0.82
N THR A 302 -28.40 32.78 -0.35
CA THR A 302 -27.76 34.06 -0.58
C THR A 302 -28.13 35.03 0.55
N SER A 303 -27.66 36.26 0.43
CA SER A 303 -27.88 37.29 1.45
C SER A 303 -29.25 37.96 1.43
N PRO A 304 -29.63 38.63 2.52
CA PRO A 304 -30.93 39.31 2.56
C PRO A 304 -30.97 40.32 1.41
N LEU A 305 -29.82 40.95 1.15
CA LEU A 305 -29.70 41.95 0.09
C LEU A 305 -30.02 41.40 -1.30
N ARG A 306 -29.51 40.22 -1.60
CA ARG A 306 -29.70 39.61 -2.92
C ARG A 306 -30.92 38.72 -3.08
N ALA A 307 -31.31 38.02 -2.02
CA ALA A 307 -32.43 37.09 -2.07
C ALA A 307 -33.69 37.61 -2.74
N GLY A 308 -34.22 38.71 -2.24
CA GLY A 308 -35.44 39.26 -2.77
C GLY A 308 -35.44 39.50 -4.27
N ARG A 309 -34.34 40.02 -4.79
CA ARG A 309 -34.23 40.31 -6.20
C ARG A 309 -33.92 39.07 -7.04
N LEU A 310 -33.24 38.11 -6.43
CA LEU A 310 -32.89 36.88 -7.15
C LEU A 310 -34.02 35.87 -7.27
N TYR A 311 -34.65 35.59 -6.14
CA TYR A 311 -35.72 34.60 -6.12
C TYR A 311 -37.04 35.06 -6.75
N ASN A 312 -36.98 35.48 -8.01
CA ASN A 312 -38.18 35.91 -8.72
C ASN A 312 -38.72 34.75 -9.54
N PHE A 313 -39.87 34.98 -10.19
CA PHE A 313 -40.49 33.95 -11.02
C PHE A 313 -39.53 33.39 -12.06
N SER A 314 -38.80 34.26 -12.74
CA SER A 314 -37.89 33.81 -13.79
C SER A 314 -36.81 32.84 -13.33
N PHE A 315 -36.10 33.23 -12.26
CA PHE A 315 -35.05 32.40 -11.71
C PHE A 315 -35.58 31.05 -11.25
N LEU A 316 -36.60 31.07 -10.40
CA LEU A 316 -37.16 29.84 -9.89
C LEU A 316 -37.66 28.92 -11.00
N ASN A 317 -38.24 29.50 -12.04
CA ASN A 317 -38.72 28.70 -13.18
C ASN A 317 -37.55 28.12 -13.99
N GLN A 318 -36.48 28.90 -14.13
CA GLN A 318 -35.31 28.43 -14.85
C GLN A 318 -34.67 27.29 -14.07
N MET A 319 -34.68 27.38 -12.74
CA MET A 319 -34.10 26.33 -11.90
C MET A 319 -34.97 25.09 -11.95
N GLU A 320 -36.28 25.27 -11.93
CA GLU A 320 -37.21 24.15 -12.01
C GLU A 320 -36.91 23.36 -13.29
N ASN A 321 -36.79 24.10 -14.38
CA ASN A 321 -36.53 23.50 -15.68
C ASN A 321 -35.20 22.77 -15.67
N PHE A 322 -34.18 23.45 -15.16
CA PHE A 322 -32.83 22.91 -15.07
C PHE A 322 -32.83 21.51 -14.46
N LEU A 323 -33.37 21.39 -13.25
CA LEU A 323 -33.39 20.11 -12.56
C LEU A 323 -34.28 19.10 -13.28
N LYS A 324 -35.40 19.56 -13.82
CA LYS A 324 -36.30 18.66 -14.55
C LYS A 324 -35.60 18.01 -15.76
N GLU A 325 -34.71 18.75 -16.42
CA GLU A 325 -34.00 18.21 -17.58
C GLU A 325 -32.89 17.27 -17.11
N ARG A 326 -32.39 17.48 -15.90
CA ARG A 326 -31.29 16.69 -15.37
C ARG A 326 -31.72 15.38 -14.73
N THR A 327 -32.83 15.41 -14.00
CA THR A 327 -33.35 14.22 -13.33
C THR A 327 -34.84 14.21 -13.63
N PRO A 328 -35.20 13.87 -14.88
CA PRO A 328 -36.56 13.80 -15.42
C PRO A 328 -37.57 12.87 -14.75
N TYR A 329 -37.09 11.79 -14.16
CA TYR A 329 -38.02 10.82 -13.59
C TYR A 329 -38.10 10.73 -12.07
N VAL A 330 -37.51 11.71 -11.39
CA VAL A 330 -37.48 11.77 -9.93
C VAL A 330 -38.84 11.86 -9.24
N ASP A 331 -38.93 11.24 -8.05
CA ASP A 331 -40.16 11.24 -7.28
C ASP A 331 -40.56 12.67 -6.93
N GLU A 332 -39.57 13.46 -6.52
CA GLU A 332 -39.79 14.86 -6.16
C GLU A 332 -38.46 15.58 -6.31
N ARG A 333 -38.50 16.78 -6.85
CA ARG A 333 -37.28 17.55 -7.02
C ARG A 333 -37.49 19.00 -6.62
N PRO A 334 -37.49 19.26 -5.30
CA PRO A 334 -37.69 20.61 -4.81
C PRO A 334 -36.55 21.59 -5.14
N ILE A 335 -36.93 22.81 -5.50
CA ILE A 335 -35.96 23.88 -5.75
C ILE A 335 -36.24 24.73 -4.50
N ALA A 336 -35.28 24.76 -3.58
CA ALA A 336 -35.49 25.46 -2.33
C ALA A 336 -34.59 26.65 -2.08
N PRO A 337 -35.13 27.87 -2.26
CA PRO A 337 -34.33 29.07 -2.05
C PRO A 337 -34.26 29.42 -0.57
N TYR A 338 -33.08 29.84 -0.13
CA TYR A 338 -32.86 30.19 1.27
C TYR A 338 -32.16 31.52 1.41
N VAL A 339 -32.39 32.16 2.55
CA VAL A 339 -31.71 33.41 2.84
C VAL A 339 -30.82 33.13 4.04
N ASN A 340 -29.53 33.49 3.94
CA ASN A 340 -28.65 33.35 5.11
C ASN A 340 -28.77 34.75 5.72
N LYS A 341 -29.66 34.90 6.70
CA LYS A 341 -29.88 36.21 7.30
C LYS A 341 -28.67 36.84 7.96
N HIS A 342 -27.65 36.04 8.22
CA HIS A 342 -26.46 36.57 8.85
C HIS A 342 -25.24 36.55 7.92
N THR A 343 -25.45 36.95 6.67
CA THR A 343 -24.37 36.99 5.70
C THR A 343 -23.58 38.28 5.94
N THR A 344 -22.25 38.19 5.87
CA THR A 344 -21.40 39.38 6.08
C THR A 344 -21.46 40.29 4.87
N LYS A 345 -21.18 41.56 5.09
CA LYS A 345 -21.18 42.54 4.02
C LYS A 345 -20.22 42.07 2.93
N LYS A 346 -19.11 41.46 3.36
CA LYS A 346 -18.09 40.96 2.45
C LYS A 346 -18.57 39.83 1.55
N GLU A 347 -19.54 39.06 2.01
CA GLU A 347 -20.06 37.94 1.23
C GLU A 347 -21.47 38.22 0.72
N GLU A 348 -21.91 39.46 0.81
CA GLU A 348 -23.27 39.84 0.38
C GLU A 348 -23.65 39.45 -1.05
N ASP A 349 -22.67 39.46 -1.95
CA ASP A 349 -22.94 39.17 -3.36
C ASP A 349 -22.91 37.71 -3.76
N ILE A 350 -22.40 36.85 -2.88
CA ILE A 350 -22.32 35.44 -3.21
C ILE A 350 -23.65 34.69 -3.24
N VAL A 351 -23.83 33.83 -4.24
CA VAL A 351 -25.01 32.99 -4.36
C VAL A 351 -24.44 31.58 -4.40
N LYS A 352 -24.91 30.74 -3.50
CA LYS A 352 -24.42 29.37 -3.40
C LYS A 352 -25.51 28.38 -3.78
N PHE A 353 -25.10 27.33 -4.49
CA PHE A 353 -26.01 26.30 -4.96
C PHE A 353 -25.51 24.98 -4.38
N TYR A 354 -26.45 24.19 -3.84
CA TYR A 354 -26.14 22.87 -3.27
C TYR A 354 -27.16 21.89 -3.79
N SER A 355 -26.70 20.76 -4.30
CA SER A 355 -27.67 19.79 -4.77
C SER A 355 -27.27 18.41 -4.34
N VAL A 356 -28.27 17.56 -4.24
CA VAL A 356 -28.09 16.17 -3.86
C VAL A 356 -28.93 15.36 -4.83
N VAL A 357 -28.32 14.38 -5.49
CA VAL A 357 -29.05 13.52 -6.42
C VAL A 357 -28.85 12.08 -5.95
N ALA A 358 -29.94 11.35 -5.80
CA ALA A 358 -29.89 9.98 -5.28
C ALA A 358 -30.49 8.89 -6.14
N GLY A 359 -30.15 7.65 -5.82
CA GLY A 359 -30.64 6.50 -6.56
C GLY A 359 -29.95 6.39 -7.91
N LEU A 360 -28.67 6.79 -7.95
CA LEU A 360 -27.92 6.75 -9.20
C LEU A 360 -27.16 5.44 -9.47
N PRO A 361 -26.78 5.21 -10.74
CA PRO A 361 -26.04 4.00 -11.11
C PRO A 361 -24.56 4.18 -10.76
N LEU A 362 -23.77 3.11 -10.91
CA LEU A 362 -22.34 3.19 -10.63
C LEU A 362 -21.75 4.16 -11.66
N PRO A 363 -20.74 4.94 -11.26
CA PRO A 363 -20.12 5.90 -12.17
C PRO A 363 -19.13 5.26 -13.15
N LYS A 364 -18.63 6.08 -14.09
CA LYS A 364 -17.68 5.61 -15.10
C LYS A 364 -16.35 5.12 -14.54
N ARG A 365 -15.92 5.70 -13.42
CA ARG A 365 -14.68 5.30 -12.80
C ARG A 365 -14.67 3.80 -12.49
N VAL A 366 -15.84 3.23 -12.18
CA VAL A 366 -15.89 1.80 -11.88
C VAL A 366 -15.55 1.00 -13.14
N SER A 367 -16.07 1.46 -14.28
CA SER A 367 -15.79 0.78 -15.55
C SER A 367 -14.34 0.99 -15.98
N ASP A 368 -13.78 2.15 -15.69
CA ASP A 368 -12.40 2.43 -16.05
C ASP A 368 -11.45 1.52 -15.27
N ILE A 369 -11.82 1.22 -14.04
CA ILE A 369 -11.02 0.35 -13.19
C ILE A 369 -11.04 -1.05 -13.77
N ILE A 370 -12.22 -1.47 -14.23
CA ILE A 370 -12.38 -2.79 -14.82
C ILE A 370 -11.51 -2.91 -16.07
N ASP A 371 -11.45 -1.84 -16.86
CA ASP A 371 -10.61 -1.84 -18.07
C ASP A 371 -9.13 -1.83 -17.73
N GLU A 372 -8.78 -1.21 -16.61
CA GLU A 372 -7.38 -1.18 -16.21
C GLU A 372 -7.01 -2.60 -15.79
N ILE A 373 -7.92 -3.28 -15.11
CA ILE A 373 -7.68 -4.67 -14.68
C ILE A 373 -7.62 -5.56 -15.92
N THR A 374 -8.51 -5.30 -16.88
CA THR A 374 -8.56 -6.07 -18.13
C THR A 374 -7.25 -5.89 -18.92
N ARG A 375 -6.77 -4.65 -19.02
CA ARG A 375 -5.52 -4.37 -19.72
C ARG A 375 -4.39 -5.23 -19.14
N ILE A 376 -4.14 -5.06 -17.84
CA ILE A 376 -3.10 -5.80 -17.14
C ILE A 376 -3.14 -7.29 -17.40
N LYS A 377 -4.30 -7.92 -17.23
CA LYS A 377 -4.45 -9.36 -17.43
C LYS A 377 -4.23 -9.80 -18.88
N GLU A 378 -4.75 -9.03 -19.84
CA GLU A 378 -4.62 -9.38 -21.25
C GLU A 378 -3.20 -9.21 -21.78
N GLU A 379 -2.52 -8.14 -21.37
CA GLU A 379 -1.15 -7.92 -21.81
C GLU A 379 -0.27 -8.97 -21.17
N ARG A 380 -0.69 -9.48 -20.02
CA ARG A 380 0.07 -10.50 -19.32
C ARG A 380 0.00 -11.78 -20.13
N GLU A 381 -1.15 -12.01 -20.76
CA GLU A 381 -1.36 -13.19 -21.59
C GLU A 381 -0.57 -13.07 -22.89
N GLN A 382 -0.63 -11.89 -23.51
CA GLN A 382 0.10 -11.64 -24.74
C GLN A 382 1.59 -11.80 -24.47
N ALA A 383 2.02 -11.31 -23.30
CA ALA A 383 3.43 -11.41 -22.92
C ALA A 383 3.84 -12.87 -22.75
N ASN A 384 2.86 -13.72 -22.43
CA ASN A 384 3.12 -15.15 -22.24
C ASN A 384 3.00 -15.94 -23.56
N GLY B 3 31.57 0.93 5.95
CA GLY B 3 30.14 0.56 6.20
C GLY B 3 29.61 1.22 7.45
N ASN B 4 28.37 1.69 7.39
CA ASN B 4 27.78 2.35 8.56
C ASN B 4 26.27 2.65 8.51
N PHE B 5 25.52 1.78 9.16
CA PHE B 5 24.09 1.93 9.27
C PHE B 5 23.91 2.33 10.74
N SER B 6 25.00 2.74 11.39
CA SER B 6 24.96 3.13 12.80
C SER B 6 23.96 4.24 13.07
N GLU B 7 24.09 5.33 12.31
CA GLU B 7 23.23 6.49 12.41
C GLU B 7 21.78 6.06 12.21
N ILE B 8 21.54 5.39 11.08
CA ILE B 8 20.22 4.91 10.74
C ILE B 8 19.67 3.99 11.83
N GLU B 9 20.49 3.05 12.28
CA GLU B 9 20.09 2.10 13.31
C GLU B 9 19.73 2.81 14.60
N SER B 10 20.57 3.78 14.96
CA SER B 10 20.38 4.56 16.19
C SER B 10 18.99 5.17 16.29
N GLN B 11 18.42 5.54 15.15
CA GLN B 11 17.10 6.17 15.11
C GLN B 11 16.04 5.31 14.44
N GLY B 12 16.42 4.13 13.98
CA GLY B 12 15.45 3.30 13.28
C GLY B 12 15.27 1.92 13.85
N ASN B 13 14.97 0.97 12.95
CA ASN B 13 14.76 -0.40 13.37
C ASN B 13 14.66 -1.26 12.10
N ILE B 14 14.67 -2.57 12.28
CA ILE B 14 14.57 -3.51 11.15
C ILE B 14 13.15 -4.04 11.05
N SER B 15 12.72 -4.38 9.83
CA SER B 15 11.39 -4.90 9.60
C SER B 15 11.18 -6.33 10.09
N LEU B 16 12.10 -7.23 9.71
CA LEU B 16 11.97 -8.64 10.04
C LEU B 16 13.12 -9.25 10.84
N LYS B 17 12.77 -10.12 11.78
CA LYS B 17 13.79 -10.79 12.58
C LYS B 17 14.24 -12.02 11.82
N PHE B 18 15.27 -11.86 11.00
CA PHE B 18 15.80 -12.96 10.20
C PHE B 18 16.61 -13.96 10.99
N GLY B 19 16.48 -15.21 10.58
CA GLY B 19 17.26 -16.29 11.15
C GLY B 19 17.95 -16.87 9.91
N PHE B 20 19.15 -17.40 10.07
CA PHE B 20 19.87 -17.98 8.94
C PHE B 20 20.32 -19.41 9.25
N LEU B 21 19.92 -20.35 8.37
CA LEU B 21 20.30 -21.74 8.49
C LEU B 21 21.38 -22.02 7.44
N GLY B 22 22.63 -22.01 7.89
CA GLY B 22 23.72 -22.25 6.95
C GLY B 22 24.01 -23.71 6.71
N LEU B 23 24.23 -24.04 5.44
CA LEU B 23 24.56 -25.41 5.05
C LEU B 23 25.87 -25.37 4.28
N GLY B 24 26.85 -26.14 4.76
CA GLY B 24 28.14 -26.16 4.09
C GLY B 24 28.99 -24.96 4.47
N MET B 25 30.26 -24.99 4.06
CA MET B 25 31.18 -23.92 4.38
C MET B 25 30.74 -22.54 3.91
N GLY B 26 30.50 -22.37 2.61
CA GLY B 26 30.09 -21.05 2.13
C GLY B 26 28.79 -20.59 2.78
N GLY B 27 27.82 -21.52 2.87
CA GLY B 27 26.54 -21.19 3.45
C GLY B 27 26.72 -20.74 4.90
N CYS B 28 27.57 -21.44 5.63
CA CYS B 28 27.82 -21.08 7.02
C CYS B 28 28.57 -19.77 7.13
N ALA B 29 29.50 -19.52 6.23
CA ALA B 29 30.25 -18.27 6.30
C ALA B 29 29.34 -17.08 6.10
N ILE B 30 28.41 -17.20 5.16
CA ILE B 30 27.49 -16.10 4.88
C ILE B 30 26.51 -15.94 6.04
N ALA B 31 26.02 -17.07 6.53
CA ALA B 31 25.06 -17.05 7.64
C ALA B 31 25.69 -16.38 8.85
N ALA B 32 26.91 -16.80 9.17
CA ALA B 32 27.62 -16.26 10.31
C ALA B 32 27.85 -14.75 10.12
N GLU B 33 28.23 -14.36 8.92
CA GLU B 33 28.48 -12.95 8.65
C GLU B 33 27.19 -12.16 8.91
N CYS B 34 26.04 -12.70 8.49
CA CYS B 34 24.78 -12.00 8.73
C CYS B 34 24.40 -11.99 10.22
N ALA B 35 24.51 -13.14 10.86
CA ALA B 35 24.13 -13.30 12.27
C ALA B 35 25.08 -12.65 13.28
N ASN B 36 26.32 -12.44 12.88
CA ASN B 36 27.31 -11.81 13.75
C ASN B 36 27.13 -10.30 13.78
N LYS B 37 26.30 -9.77 12.88
CA LYS B 37 26.10 -8.33 12.78
C LYS B 37 25.62 -7.65 14.04
N GLU B 38 26.38 -6.63 14.45
CA GLU B 38 26.09 -5.83 15.65
C GLU B 38 25.52 -4.48 15.20
N THR B 39 24.45 -4.03 15.82
CA THR B 39 23.85 -2.76 15.42
C THR B 39 23.63 -1.78 16.56
N GLN B 40 23.24 -0.56 16.20
CA GLN B 40 22.95 0.49 17.18
C GLN B 40 21.44 0.56 17.41
N ILE B 41 20.72 -0.49 17.00
CA ILE B 41 19.28 -0.49 17.22
C ILE B 41 18.97 -0.66 18.71
N LYS B 42 18.08 0.19 19.20
CA LYS B 42 17.67 0.20 20.59
C LYS B 42 17.15 -1.15 21.06
N ASN B 43 17.89 -1.78 21.98
CA ASN B 43 17.52 -3.08 22.54
C ASN B 43 17.57 -4.23 21.55
N ASN B 44 18.37 -4.10 20.50
CA ASN B 44 18.49 -5.17 19.51
C ASN B 44 19.86 -5.10 18.88
N LYS B 45 20.87 -5.17 19.76
CA LYS B 45 22.27 -5.11 19.35
C LYS B 45 22.62 -6.18 18.31
N TYR B 46 22.06 -7.38 18.50
CA TYR B 46 22.30 -8.49 17.58
C TYR B 46 20.94 -8.95 17.07
N PRO B 47 20.43 -8.26 16.04
CA PRO B 47 19.13 -8.59 15.46
C PRO B 47 18.98 -9.98 14.85
N TYR B 48 20.09 -10.59 14.42
CA TYR B 48 20.01 -11.88 13.76
C TYR B 48 20.55 -13.12 14.49
N ARG B 49 20.04 -14.27 14.08
CA ARG B 49 20.41 -15.57 14.64
C ARG B 49 20.74 -16.56 13.54
N ALA B 50 21.55 -17.55 13.88
CA ALA B 50 21.98 -18.55 12.91
C ALA B 50 22.35 -19.90 13.50
N ILE B 51 22.12 -20.92 12.70
CA ILE B 51 22.47 -22.30 13.02
C ILE B 51 23.39 -22.66 11.87
N LEU B 52 24.63 -22.99 12.17
CA LEU B 52 25.59 -23.32 11.11
C LEU B 52 25.84 -24.81 11.05
N VAL B 53 25.27 -25.46 10.04
CA VAL B 53 25.41 -26.91 9.86
C VAL B 53 26.49 -27.22 8.86
N ASN B 54 27.54 -27.90 9.30
CA ASN B 54 28.63 -28.22 8.41
C ASN B 54 29.50 -29.34 8.94
N THR B 55 30.31 -29.90 8.05
CA THR B 55 31.23 -30.96 8.42
C THR B 55 32.45 -30.29 9.03
N ASN B 56 33.17 -31.01 9.89
CA ASN B 56 34.36 -30.44 10.54
C ASN B 56 35.48 -30.09 9.56
N SER B 57 36.20 -29.02 9.88
CA SER B 57 37.34 -28.58 9.07
C SER B 57 38.02 -27.41 9.75
N GLN B 58 39.28 -27.17 9.42
CA GLN B 58 40.02 -26.06 10.01
C GLN B 58 39.28 -24.76 9.72
N ASP B 59 38.80 -24.63 8.50
CA ASP B 59 38.06 -23.45 8.08
C ASP B 59 36.73 -23.28 8.79
N PHE B 60 36.05 -24.39 9.10
CA PHE B 60 34.79 -24.27 9.81
C PHE B 60 35.10 -23.84 11.25
N ASN B 61 36.16 -24.41 11.83
CA ASN B 61 36.55 -24.04 13.18
C ASN B 61 36.81 -22.55 13.26
N LYS B 62 37.49 -22.03 12.26
CA LYS B 62 37.85 -20.61 12.19
C LYS B 62 36.70 -19.60 12.14
N ILE B 63 35.50 -20.01 11.70
CA ILE B 63 34.39 -19.07 11.67
C ILE B 63 34.16 -18.60 13.11
N GLU B 64 34.20 -17.29 13.30
CA GLU B 64 34.03 -16.71 14.62
C GLU B 64 32.56 -16.46 14.95
N ILE B 65 32.28 -16.35 16.24
CA ILE B 65 30.94 -16.08 16.70
C ILE B 65 31.03 -14.89 17.65
N LYS B 66 30.86 -13.70 17.08
CA LYS B 66 30.93 -12.45 17.83
C LYS B 66 29.79 -12.32 18.83
N ASN B 67 28.73 -13.09 18.61
CA ASN B 67 27.57 -13.03 19.49
C ASN B 67 27.11 -14.40 19.96
N THR B 68 27.81 -14.92 20.96
CA THR B 68 27.51 -16.23 21.53
C THR B 68 26.01 -16.36 21.76
N GLY B 69 25.49 -17.57 21.58
CA GLY B 69 24.07 -17.80 21.79
C GLY B 69 23.24 -17.56 20.54
N ASN B 70 23.47 -16.44 19.86
CA ASN B 70 22.72 -16.11 18.64
C ASN B 70 23.16 -16.99 17.49
N VAL B 71 24.38 -17.49 17.56
CA VAL B 71 24.94 -18.34 16.53
C VAL B 71 25.45 -19.64 17.11
N ARG B 72 24.97 -20.75 16.58
CA ARG B 72 25.38 -22.08 17.06
C ARG B 72 25.80 -22.98 15.92
N LYS B 73 26.92 -23.67 16.08
CA LYS B 73 27.38 -24.61 15.06
C LYS B 73 26.88 -26.01 15.37
N ILE B 74 26.63 -26.77 14.30
CA ILE B 74 26.18 -28.16 14.43
C ILE B 74 27.08 -28.95 13.50
N GLN B 75 27.99 -29.74 14.08
CA GLN B 75 28.91 -30.56 13.28
C GLN B 75 28.27 -31.81 12.71
N LEU B 76 28.53 -32.07 11.44
CA LEU B 76 28.03 -33.26 10.76
C LEU B 76 29.18 -34.25 10.87
N GLU B 77 29.59 -34.48 12.10
CA GLU B 77 30.70 -35.36 12.41
C GLU B 77 30.70 -36.65 11.60
N GLY B 78 31.86 -36.98 11.03
CA GLY B 78 32.01 -38.20 10.25
C GLY B 78 31.58 -38.17 8.80
N TYR B 79 31.23 -37.00 8.28
CA TYR B 79 30.78 -36.89 6.89
C TYR B 79 31.62 -35.96 6.05
N GLU B 80 32.79 -35.60 6.58
CA GLU B 80 33.72 -34.72 5.88
C GLU B 80 34.17 -35.44 4.61
N GLN B 81 34.15 -34.76 3.48
CA GLN B 81 34.56 -35.39 2.22
C GLN B 81 35.63 -34.63 1.46
N GLY B 82 36.24 -33.65 2.13
CA GLY B 82 37.30 -32.88 1.51
C GLY B 82 36.86 -32.18 0.24
N ALA B 83 37.19 -32.75 -0.92
CA ALA B 83 36.82 -32.15 -2.19
C ALA B 83 36.18 -33.13 -3.18
N ALA B 84 35.50 -34.14 -2.66
CA ALA B 84 34.84 -35.12 -3.53
C ALA B 84 33.52 -34.51 -4.03
N ARG B 85 33.06 -33.49 -3.31
CA ARG B 85 31.84 -32.76 -3.63
C ARG B 85 30.69 -33.66 -4.04
N ASN B 86 30.42 -34.67 -3.21
CA ASN B 86 29.36 -35.62 -3.47
C ASN B 86 28.11 -35.19 -2.71
N PRO B 87 27.10 -34.65 -3.42
CA PRO B 87 25.88 -34.19 -2.78
C PRO B 87 25.15 -35.30 -2.01
N GLN B 88 25.34 -36.55 -2.45
CA GLN B 88 24.73 -37.69 -1.78
C GLN B 88 25.25 -37.79 -0.35
N VAL B 89 26.56 -37.59 -0.17
CA VAL B 89 27.16 -37.63 1.16
C VAL B 89 26.56 -36.55 2.05
N GLY B 90 26.47 -35.34 1.51
CA GLY B 90 25.92 -34.21 2.25
C GLY B 90 24.48 -34.45 2.64
N GLU B 91 23.70 -35.07 1.76
CA GLU B 91 22.30 -35.36 2.04
C GLU B 91 22.20 -36.35 3.19
N GLU B 92 23.05 -37.36 3.15
CA GLU B 92 23.09 -38.40 4.18
C GLU B 92 23.45 -37.83 5.54
N ALA B 93 24.44 -36.94 5.57
CA ALA B 93 24.90 -36.32 6.80
C ALA B 93 23.77 -35.56 7.48
N PHE B 94 23.02 -34.81 6.69
CA PHE B 94 21.91 -34.01 7.22
C PHE B 94 20.84 -34.90 7.83
N VAL B 95 20.45 -35.94 7.10
CA VAL B 95 19.43 -36.87 7.59
C VAL B 95 19.88 -37.49 8.91
N LYS B 96 21.12 -37.98 8.92
CA LYS B 96 21.70 -38.60 10.11
C LYS B 96 21.67 -37.70 11.35
N HIS B 97 21.96 -36.42 11.17
CA HIS B 97 21.98 -35.48 12.28
C HIS B 97 20.71 -34.63 12.33
N GLU B 98 19.69 -35.04 11.61
CA GLU B 98 18.45 -34.28 11.55
C GLU B 98 17.83 -33.92 12.90
N THR B 99 17.82 -34.87 13.84
CA THR B 99 17.23 -34.58 15.14
C THR B 99 17.99 -33.46 15.83
N LYS B 100 19.31 -33.59 15.86
CA LYS B 100 20.16 -32.58 16.47
C LYS B 100 19.93 -31.21 15.82
N ILE B 101 19.88 -31.21 14.50
CA ILE B 101 19.68 -29.97 13.76
C ILE B 101 18.34 -29.31 14.06
N PHE B 102 17.26 -30.09 14.03
CA PHE B 102 15.94 -29.51 14.29
C PHE B 102 15.83 -28.98 15.71
N GLU B 103 16.39 -29.73 16.65
CA GLU B 103 16.39 -29.34 18.06
C GLU B 103 16.95 -27.92 18.15
N ALA B 104 18.10 -27.71 17.52
CA ALA B 104 18.78 -26.41 17.49
C ALA B 104 17.93 -25.38 16.75
N VAL B 105 17.37 -25.77 15.62
CA VAL B 105 16.50 -24.86 14.86
C VAL B 105 15.33 -24.43 15.73
N LYS B 106 14.65 -25.40 16.29
CA LYS B 106 13.49 -25.13 17.13
C LYS B 106 13.77 -24.09 18.21
N GLN B 107 14.88 -24.29 18.91
CA GLN B 107 15.30 -23.41 20.00
C GLN B 107 15.74 -22.02 19.54
N GLU B 108 16.69 -22.01 18.61
CA GLU B 108 17.27 -20.78 18.08
C GLU B 108 16.31 -19.86 17.32
N PHE B 109 15.38 -20.43 16.57
CA PHE B 109 14.47 -19.61 15.77
C PHE B 109 13.06 -19.39 16.31
N GLU B 110 12.81 -19.69 17.58
CA GLU B 110 11.45 -19.54 18.12
C GLU B 110 10.85 -18.15 17.98
N ASP B 111 11.69 -17.13 17.87
CA ASP B 111 11.24 -15.75 17.74
C ASP B 111 11.53 -15.13 16.36
N ARG B 112 11.89 -15.95 15.38
CA ARG B 112 12.23 -15.44 14.05
C ARG B 112 11.01 -15.20 13.15
N ASP B 113 11.08 -14.15 12.34
CA ASP B 113 9.98 -13.85 11.43
C ASP B 113 10.17 -14.60 10.12
N PHE B 114 11.42 -14.77 9.73
CA PHE B 114 11.70 -15.42 8.46
C PHE B 114 13.09 -16.06 8.49
N ILE B 115 13.20 -17.22 7.88
CA ILE B 115 14.46 -17.93 7.86
C ILE B 115 15.05 -18.03 6.45
N TRP B 116 16.36 -17.83 6.33
CA TRP B 116 17.05 -17.95 5.04
C TRP B 116 17.90 -19.20 5.10
N ILE B 117 17.56 -20.23 4.33
CA ILE B 117 18.41 -21.40 4.29
C ILE B 117 19.49 -20.87 3.37
N THR B 118 20.72 -20.84 3.89
CA THR B 118 21.86 -20.25 3.18
C THR B 118 22.82 -21.32 2.71
N CYS B 119 23.20 -21.23 1.45
CA CYS B 119 24.02 -22.26 0.87
C CYS B 119 24.77 -21.83 -0.38
N GLY B 120 26.02 -22.28 -0.46
CA GLY B 120 26.84 -22.00 -1.63
C GLY B 120 26.62 -23.19 -2.54
N LEU B 121 25.85 -23.00 -3.61
CA LEU B 121 25.56 -24.10 -4.52
C LEU B 121 26.82 -24.60 -5.21
N GLY B 122 27.00 -25.92 -5.24
CA GLY B 122 28.18 -26.47 -5.89
C GLY B 122 29.02 -27.44 -5.06
N GLY B 123 29.02 -27.28 -3.75
CA GLY B 123 29.79 -28.16 -2.89
C GLY B 123 29.06 -29.45 -2.63
N GLY B 124 29.68 -30.34 -1.84
CA GLY B 124 29.05 -31.60 -1.52
C GLY B 124 28.17 -31.53 -0.28
N THR B 125 28.63 -30.83 0.75
CA THR B 125 27.85 -30.75 2.00
C THR B 125 26.58 -29.89 1.93
N GLY B 126 26.75 -28.61 1.60
CA GLY B 126 25.60 -27.72 1.54
C GLY B 126 24.57 -28.10 0.50
N THR B 127 25.04 -28.28 -0.73
CA THR B 127 24.17 -28.62 -1.85
C THR B 127 23.46 -29.94 -1.54
N GLY B 128 24.20 -30.86 -0.93
CA GLY B 128 23.61 -32.14 -0.61
C GLY B 128 22.54 -32.07 0.45
N ALA B 129 22.74 -31.23 1.46
CA ALA B 129 21.79 -31.12 2.56
C ALA B 129 20.59 -30.20 2.29
N LEU B 130 20.71 -29.36 1.26
CA LEU B 130 19.69 -28.38 0.91
C LEU B 130 18.22 -28.80 0.77
N LEU B 131 17.93 -29.80 -0.06
CA LEU B 131 16.52 -30.21 -0.23
C LEU B 131 15.89 -30.73 1.07
N LYS B 132 16.68 -31.46 1.85
CA LYS B 132 16.21 -32.01 3.12
C LYS B 132 15.95 -30.90 4.12
N ALA B 133 16.78 -29.87 4.09
CA ALA B 133 16.64 -28.74 4.99
C ALA B 133 15.37 -28.01 4.62
N ILE B 134 15.13 -27.92 3.32
CA ILE B 134 13.92 -27.24 2.86
C ILE B 134 12.72 -28.05 3.36
N GLU B 135 12.78 -29.36 3.22
CA GLU B 135 11.67 -30.18 3.70
C GLU B 135 11.44 -30.00 5.20
N MET B 136 12.53 -29.92 5.94
CA MET B 136 12.45 -29.75 7.39
C MET B 136 11.71 -28.48 7.80
N LEU B 137 12.06 -27.34 7.20
CA LEU B 137 11.37 -26.11 7.58
C LEU B 137 9.91 -26.11 7.07
N TYR B 138 9.69 -26.73 5.93
CA TYR B 138 8.35 -26.79 5.32
C TYR B 138 7.36 -27.53 6.23
N GLU B 139 7.74 -28.72 6.69
CA GLU B 139 6.88 -29.54 7.54
C GLU B 139 6.67 -28.99 8.92
N HIS B 140 7.49 -28.02 9.31
CA HIS B 140 7.34 -27.44 10.63
C HIS B 140 6.73 -26.04 10.56
N ASP B 141 6.13 -25.73 9.42
CA ASP B 141 5.40 -24.48 9.21
C ASP B 141 6.17 -23.16 9.34
N TYR B 142 7.45 -23.17 9.02
CA TYR B 142 8.25 -21.95 9.10
C TYR B 142 8.08 -21.08 7.87
N ASN B 143 8.24 -19.77 8.04
CA ASN B 143 8.20 -18.88 6.88
C ASN B 143 9.69 -18.87 6.52
N PHE B 144 10.03 -19.34 5.32
CA PHE B 144 11.44 -19.40 4.92
C PHE B 144 11.68 -19.20 3.43
N GLY B 145 12.91 -18.80 3.10
CA GLY B 145 13.31 -18.57 1.73
C GLY B 145 14.73 -19.12 1.56
N LEU B 146 15.33 -18.91 0.39
CA LEU B 146 16.66 -19.43 0.12
C LEU B 146 17.63 -18.31 -0.26
N LEU B 147 18.84 -18.37 0.30
CA LEU B 147 19.90 -17.40 0.04
C LEU B 147 21.01 -18.28 -0.56
N LEU B 148 21.12 -18.27 -1.88
CA LEU B 148 22.04 -19.15 -2.57
C LEU B 148 23.02 -18.47 -3.49
N THR B 149 24.26 -18.94 -3.52
CA THR B 149 25.24 -18.34 -4.45
C THR B 149 25.41 -19.28 -5.65
N LEU B 150 25.76 -18.71 -6.79
CA LEU B 150 26.00 -19.49 -7.98
C LEU B 150 27.50 -19.38 -8.20
N PRO B 151 28.15 -20.49 -8.56
CA PRO B 151 29.60 -20.59 -8.79
C PRO B 151 30.13 -19.82 -9.99
N ARG B 152 31.44 -19.61 -9.99
CA ARG B 152 32.16 -18.93 -11.08
C ARG B 152 32.60 -20.01 -12.08
N ASP B 153 32.76 -19.62 -13.34
CA ASP B 153 33.18 -20.57 -14.38
C ASP B 153 34.53 -21.22 -14.04
N ALA B 154 35.36 -20.49 -13.31
CA ALA B 154 36.68 -20.99 -12.94
C ALA B 154 36.63 -22.21 -12.03
N GLU B 155 35.48 -22.48 -11.42
CA GLU B 155 35.38 -23.62 -10.52
C GLU B 155 35.28 -24.97 -11.25
N ALA B 156 35.56 -26.04 -10.53
CA ALA B 156 35.55 -27.40 -11.10
C ALA B 156 34.24 -27.81 -11.75
N LEU B 157 34.35 -28.70 -12.75
CA LEU B 157 33.16 -29.18 -13.44
C LEU B 157 32.12 -29.71 -12.45
N LYS B 158 32.55 -30.49 -11.47
CA LYS B 158 31.64 -31.06 -10.48
C LYS B 158 30.86 -29.96 -9.75
N VAL B 159 31.54 -28.87 -9.42
CA VAL B 159 30.90 -27.77 -8.73
C VAL B 159 29.77 -27.21 -9.59
N LEU B 160 30.04 -26.94 -10.86
CA LEU B 160 29.03 -26.40 -11.77
C LEU B 160 27.85 -27.37 -11.93
N GLU B 161 28.16 -28.67 -12.08
CA GLU B 161 27.10 -29.67 -12.22
C GLU B 161 26.26 -29.83 -10.96
N ASN B 162 26.90 -29.78 -9.80
CA ASN B 162 26.18 -29.87 -8.53
C ASN B 162 25.25 -28.68 -8.36
N ALA B 163 25.74 -27.49 -8.72
CA ALA B 163 24.95 -26.29 -8.59
C ALA B 163 23.78 -26.34 -9.54
N THR B 164 24.04 -26.78 -10.77
CA THR B 164 23.02 -26.91 -11.80
C THR B 164 21.92 -27.88 -11.43
N SER B 165 22.27 -29.07 -10.98
CA SER B 165 21.26 -30.06 -10.60
C SER B 165 20.36 -29.53 -9.46
N ARG B 166 20.94 -28.92 -8.44
CA ARG B 166 20.13 -28.37 -7.35
C ARG B 166 19.25 -27.22 -7.78
N ILE B 167 19.78 -26.34 -8.63
CA ILE B 167 19.00 -25.19 -9.11
C ILE B 167 17.74 -25.67 -9.81
N ARG B 168 17.86 -26.73 -10.59
CA ARG B 168 16.73 -27.32 -11.32
C ARG B 168 15.68 -27.83 -10.35
N SER B 169 16.12 -28.56 -9.33
CA SER B 169 15.21 -29.12 -8.33
C SER B 169 14.47 -28.01 -7.59
N ILE B 170 15.22 -26.96 -7.25
CA ILE B 170 14.66 -25.81 -6.53
C ILE B 170 13.58 -25.12 -7.37
N ALA B 171 13.89 -24.87 -8.63
CA ALA B 171 12.94 -24.21 -9.50
C ALA B 171 11.65 -25.03 -9.61
N MET B 172 11.77 -26.35 -9.67
CA MET B 172 10.61 -27.21 -9.80
C MET B 172 9.76 -27.24 -8.54
N ASN B 173 10.36 -26.88 -7.42
CA ASN B 173 9.65 -26.89 -6.14
C ASN B 173 9.46 -25.52 -5.52
N GLN B 174 9.79 -24.46 -6.26
CA GLN B 174 9.72 -23.09 -5.74
C GLN B 174 8.42 -22.65 -5.11
N GLU B 175 7.28 -23.17 -5.57
CA GLU B 175 6.01 -22.75 -4.98
C GLU B 175 5.87 -23.19 -3.52
N ALA B 176 6.71 -24.13 -3.09
CA ALA B 176 6.70 -24.62 -1.70
C ALA B 176 7.29 -23.66 -0.67
N PHE B 177 7.97 -22.61 -1.10
CA PHE B 177 8.57 -21.71 -0.13
C PHE B 177 8.66 -20.28 -0.61
N GLY B 178 9.37 -19.46 0.18
CA GLY B 178 9.51 -18.05 -0.12
C GLY B 178 10.53 -17.69 -1.17
N SER B 179 10.89 -16.42 -1.18
CA SER B 179 11.84 -15.90 -2.17
C SER B 179 13.19 -16.60 -2.21
N ILE B 180 13.74 -16.65 -3.41
CA ILE B 180 15.05 -17.25 -3.63
C ILE B 180 15.95 -16.07 -4.00
N VAL B 181 16.81 -15.66 -3.07
CA VAL B 181 17.73 -14.54 -3.30
C VAL B 181 19.00 -15.14 -3.88
N LEU B 182 19.14 -15.07 -5.20
CA LEU B 182 20.32 -15.63 -5.86
C LEU B 182 21.47 -14.64 -5.83
N ILE B 183 22.68 -15.19 -5.68
CA ILE B 183 23.91 -14.39 -5.60
C ILE B 183 24.84 -14.98 -6.66
N ASP B 184 25.22 -14.15 -7.61
CA ASP B 184 26.08 -14.57 -8.70
C ASP B 184 27.52 -14.29 -8.29
N ASN B 185 28.29 -15.32 -7.93
CA ASN B 185 29.68 -15.09 -7.53
C ASN B 185 30.56 -14.51 -8.65
N ALA B 186 30.25 -14.78 -9.92
CA ALA B 186 31.05 -14.23 -11.01
C ALA B 186 30.87 -12.72 -11.07
N LYS B 187 29.64 -12.26 -10.92
CA LYS B 187 29.31 -10.84 -10.94
C LYS B 187 30.00 -10.10 -9.79
N LEU B 188 29.87 -10.65 -8.58
CA LEU B 188 30.45 -10.01 -7.42
C LEU B 188 31.97 -10.09 -7.40
N TYR B 189 32.52 -11.14 -8.00
CA TYR B 189 33.98 -11.29 -8.06
C TYR B 189 34.51 -10.20 -8.96
N ARG B 190 33.81 -9.93 -10.05
CA ARG B 190 34.23 -8.89 -10.96
C ARG B 190 34.18 -7.56 -10.21
N LYS B 191 33.10 -7.34 -9.47
CA LYS B 191 32.95 -6.12 -8.70
C LYS B 191 34.08 -6.00 -7.65
N PHE B 192 34.39 -7.12 -7.00
CA PHE B 192 35.45 -7.17 -5.99
C PHE B 192 36.78 -6.72 -6.59
N GLU B 193 37.09 -7.23 -7.78
CA GLU B 193 38.34 -6.89 -8.46
C GLU B 193 38.39 -5.41 -8.85
N GLU B 194 37.29 -4.89 -9.35
CA GLU B 194 37.26 -3.49 -9.76
C GLU B 194 37.36 -2.54 -8.57
N GLU B 195 36.91 -2.97 -7.40
CA GLU B 195 36.96 -2.12 -6.23
C GLU B 195 38.17 -2.37 -5.34
N ASN B 196 38.81 -3.51 -5.52
CA ASN B 196 39.97 -3.86 -4.71
C ASN B 196 41.06 -4.37 -5.63
N PRO B 197 41.60 -3.50 -6.49
CA PRO B 197 42.65 -3.89 -7.41
C PRO B 197 43.82 -4.49 -6.63
N SER B 198 44.39 -5.55 -7.16
CA SER B 198 45.53 -6.20 -6.52
C SER B 198 45.28 -6.61 -5.07
N ALA B 199 44.04 -7.02 -4.75
CA ALA B 199 43.74 -7.49 -3.40
C ALA B 199 43.97 -8.99 -3.52
N LEU B 200 44.25 -9.68 -2.42
CA LEU B 200 44.42 -11.13 -2.52
C LEU B 200 43.08 -11.73 -2.95
N ALA B 201 43.12 -12.62 -3.93
CA ALA B 201 41.93 -13.26 -4.45
C ALA B 201 41.08 -13.88 -3.35
N ASN B 202 41.70 -14.53 -2.38
CA ASN B 202 40.89 -15.11 -1.33
C ASN B 202 40.27 -14.09 -0.37
N GLU B 203 40.48 -12.79 -0.62
CA GLU B 203 39.83 -11.77 0.22
C GLU B 203 38.40 -11.57 -0.37
N TYR B 204 38.14 -12.26 -1.48
CA TYR B 204 36.83 -12.18 -2.12
C TYR B 204 35.73 -12.69 -1.18
N THR B 205 35.99 -13.83 -0.55
CA THR B 205 35.02 -14.45 0.36
C THR B 205 34.52 -13.50 1.43
N SER B 206 35.43 -12.87 2.16
CA SER B 206 34.99 -11.96 3.20
C SER B 206 34.31 -10.72 2.60
N TYR B 207 34.82 -10.23 1.47
CA TYR B 207 34.21 -9.10 0.80
C TYR B 207 32.78 -9.42 0.37
N SER B 208 32.60 -10.53 -0.34
CA SER B 208 31.27 -10.86 -0.83
C SER B 208 30.28 -11.18 0.31
N ASN B 209 30.76 -11.78 1.38
CA ASN B 209 29.89 -12.12 2.49
C ASN B 209 29.38 -10.87 3.22
N LYS B 210 30.24 -9.86 3.38
CA LYS B 210 29.81 -8.62 4.01
C LYS B 210 28.85 -7.89 3.07
N TYR B 211 29.12 -7.98 1.77
CA TYR B 211 28.29 -7.34 0.76
C TYR B 211 26.87 -7.93 0.81
N ILE B 212 26.77 -9.25 0.88
CA ILE B 212 25.47 -9.92 0.94
C ILE B 212 24.76 -9.51 2.24
N ALA B 213 25.49 -9.62 3.35
CA ALA B 213 24.97 -9.25 4.68
C ALA B 213 24.45 -7.82 4.68
N ASP B 214 25.26 -6.89 4.17
CA ASP B 214 24.87 -5.49 4.13
C ASP B 214 23.64 -5.25 3.24
N ALA B 215 23.56 -5.95 2.11
CA ALA B 215 22.42 -5.77 1.21
C ALA B 215 21.09 -6.17 1.85
N LEU B 216 21.08 -7.32 2.54
CA LEU B 216 19.85 -7.79 3.19
C LEU B 216 19.56 -6.89 4.39
N HIS B 217 20.58 -6.58 5.18
CA HIS B 217 20.39 -5.74 6.35
C HIS B 217 19.90 -4.35 5.96
N GLU B 218 20.46 -3.78 4.90
CA GLU B 218 20.04 -2.44 4.50
C GLU B 218 18.58 -2.32 4.09
N ILE B 219 18.07 -3.25 3.29
CA ILE B 219 16.67 -3.16 2.92
C ILE B 219 15.78 -3.46 4.15
N ASN B 220 16.23 -4.33 5.03
CA ASN B 220 15.47 -4.69 6.28
C ASN B 220 15.36 -3.43 7.16
N LEU B 221 16.38 -2.58 7.08
CA LEU B 221 16.44 -1.34 7.84
C LEU B 221 15.63 -0.21 7.18
N VAL B 222 15.86 0.00 5.89
CA VAL B 222 15.19 1.05 5.15
C VAL B 222 13.66 0.99 5.20
N THR B 223 13.13 -0.22 5.26
CA THR B 223 11.69 -0.43 5.28
C THR B 223 11.05 -0.17 6.66
N SER B 224 11.86 0.14 7.65
CA SER B 224 11.32 0.41 9.00
C SER B 224 12.01 1.53 9.74
N SER B 225 12.88 2.30 9.08
CA SER B 225 13.61 3.35 9.80
C SER B 225 13.36 4.82 9.47
N PHE B 226 12.62 5.11 8.41
CA PHE B 226 12.45 6.51 8.06
C PHE B 226 11.02 7.04 8.09
N THR B 227 10.86 8.31 7.73
CA THR B 227 9.56 8.94 7.74
C THR B 227 8.87 8.98 6.40
N PRO B 228 7.72 8.29 6.28
CA PRO B 228 6.99 8.28 5.02
C PRO B 228 6.53 9.67 4.63
N PHE B 229 6.70 10.00 3.34
CA PHE B 229 6.30 11.30 2.85
C PHE B 229 4.91 11.23 2.21
N SER B 230 4.37 10.03 2.11
CA SER B 230 3.03 9.85 1.54
C SER B 230 2.31 8.70 2.21
N ASP B 231 1.14 8.38 1.68
CA ASP B 231 0.31 7.31 2.21
C ASP B 231 0.76 5.95 1.66
N THR B 232 1.57 6.00 0.62
CA THR B 232 2.10 4.78 -0.01
C THR B 232 3.38 4.39 0.71
N HIS B 233 3.35 3.21 1.29
CA HIS B 233 4.47 2.72 2.09
C HIS B 233 5.15 1.48 1.58
N PHE B 234 6.44 1.37 1.91
CA PHE B 234 7.19 0.15 1.62
C PHE B 234 7.73 -0.16 3.02
N ASP B 235 6.82 -0.65 3.86
CA ASP B 235 7.12 -0.94 5.26
C ASP B 235 7.36 -2.43 5.56
N ALA B 236 7.44 -2.78 6.84
CA ALA B 236 7.70 -4.17 7.21
C ALA B 236 6.68 -5.11 6.64
N SER B 237 5.43 -4.67 6.56
CA SER B 237 4.37 -5.51 6.02
C SER B 237 4.58 -5.78 4.55
N GLU B 238 4.84 -4.74 3.78
CA GLU B 238 5.05 -4.91 2.35
C GLU B 238 6.30 -5.73 2.15
N PHE B 239 7.33 -5.45 2.95
CA PHE B 239 8.59 -6.19 2.85
C PHE B 239 8.35 -7.67 3.14
N ALA B 240 7.51 -7.99 4.11
CA ALA B 240 7.22 -9.38 4.43
C ALA B 240 6.54 -10.06 3.23
N GLN B 241 5.65 -9.32 2.58
CA GLN B 241 4.95 -9.86 1.42
C GLN B 241 5.88 -10.26 0.27
N VAL B 242 6.78 -9.35 -0.11
CA VAL B 242 7.67 -9.72 -1.20
C VAL B 242 8.61 -10.84 -0.85
N ILE B 243 9.19 -10.78 0.33
CA ILE B 243 10.13 -11.80 0.80
C ILE B 243 9.52 -13.20 0.86
N ASN B 244 8.20 -13.28 1.09
CA ASN B 244 7.53 -14.58 1.16
C ASN B 244 6.95 -15.01 -0.19
N THR B 245 7.22 -14.24 -1.23
CA THR B 245 6.75 -14.58 -2.58
C THR B 245 7.67 -15.61 -3.23
N PRO B 246 7.09 -16.71 -3.73
CA PRO B 246 7.90 -17.75 -4.39
C PRO B 246 8.63 -17.25 -5.64
N GLY B 247 9.74 -17.91 -5.98
CA GLY B 247 10.50 -17.53 -7.16
C GLY B 247 11.70 -16.67 -6.82
N VAL B 248 12.50 -16.32 -7.84
CA VAL B 248 13.68 -15.51 -7.60
C VAL B 248 13.40 -14.07 -7.20
N LEU B 249 14.22 -13.53 -6.31
CA LEU B 249 14.05 -12.16 -5.86
C LEU B 249 15.30 -11.33 -6.17
N SER B 250 15.05 -10.15 -6.75
CA SER B 250 16.11 -9.24 -7.18
C SER B 250 16.09 -7.92 -6.40
N LEU B 251 17.26 -7.48 -5.94
CA LEU B 251 17.36 -6.22 -5.17
C LEU B 251 18.06 -5.18 -6.05
N ALA B 252 17.74 -3.92 -5.87
CA ALA B 252 18.43 -2.87 -6.62
C ALA B 252 18.66 -1.72 -5.65
N LYS B 253 19.70 -0.94 -5.92
CA LYS B 253 20.03 0.21 -5.08
C LYS B 253 20.74 1.20 -5.96
N LEU B 254 20.28 2.44 -5.95
CA LEU B 254 20.90 3.50 -6.75
C LEU B 254 20.99 4.77 -5.93
N GLU B 255 22.14 5.42 -6.01
CA GLU B 255 22.35 6.68 -5.31
C GLU B 255 22.67 7.74 -6.38
N LEU B 256 21.87 8.80 -6.43
CA LEU B 256 22.09 9.87 -7.39
C LEU B 256 22.15 11.19 -6.64
N LYS B 257 22.94 12.14 -7.13
CA LYS B 257 23.01 13.46 -6.52
C LYS B 257 21.67 14.10 -6.91
N SER B 258 21.07 14.86 -5.99
CA SER B 258 19.76 15.47 -6.26
C SER B 258 19.66 16.29 -7.54
N ASN B 259 20.77 16.85 -7.99
CA ASN B 259 20.77 17.66 -9.20
C ASN B 259 20.67 16.80 -10.44
N GLN B 260 20.81 15.48 -10.27
CA GLN B 260 20.74 14.56 -11.41
C GLN B 260 19.32 14.15 -11.76
N LEU B 261 18.35 14.55 -10.94
CA LEU B 261 16.96 14.21 -11.22
C LEU B 261 16.23 15.38 -11.86
N ASP B 262 16.16 15.38 -13.19
CA ASP B 262 15.49 16.44 -13.92
C ASP B 262 14.16 15.91 -14.44
N THR B 263 13.06 16.34 -13.84
CA THR B 263 11.75 15.86 -14.25
C THR B 263 11.30 16.39 -15.59
N GLU B 264 12.02 17.39 -16.12
CA GLU B 264 11.71 17.97 -17.43
C GLU B 264 12.30 17.07 -18.51
N ASN B 265 13.33 16.29 -18.14
CA ASN B 265 13.99 15.36 -19.05
C ASN B 265 14.33 14.15 -18.18
N PRO B 266 13.30 13.42 -17.72
CA PRO B 266 13.46 12.25 -16.87
C PRO B 266 14.19 11.05 -17.40
N LEU B 267 14.38 10.94 -18.71
CA LEU B 267 15.06 9.76 -19.23
C LEU B 267 16.47 9.66 -18.66
N GLY B 268 16.99 10.78 -18.19
CA GLY B 268 18.32 10.80 -17.62
C GLY B 268 18.42 9.93 -16.38
N TYR B 269 17.68 10.28 -15.35
CA TYR B 269 17.74 9.52 -14.12
C TYR B 269 17.02 8.18 -14.24
N LEU B 270 15.96 8.12 -15.05
CA LEU B 270 15.21 6.85 -15.19
C LEU B 270 16.02 5.80 -15.92
N THR B 271 16.96 6.22 -16.75
CA THR B 271 17.80 5.23 -17.43
C THR B 271 18.76 4.67 -16.40
N GLN B 272 19.24 5.54 -15.52
CA GLN B 272 20.14 5.09 -14.47
C GLN B 272 19.40 4.11 -13.55
N LEU B 273 18.14 4.44 -13.25
CA LEU B 273 17.33 3.55 -12.39
C LEU B 273 17.07 2.23 -13.12
N GLY B 274 16.70 2.31 -14.41
CA GLY B 274 16.47 1.10 -15.18
C GLY B 274 17.70 0.19 -15.19
N ASN B 275 18.88 0.77 -15.38
CA ASN B 275 20.13 0.00 -15.40
C ASN B 275 20.44 -0.62 -14.04
N ALA B 276 20.11 0.09 -12.97
CA ALA B 276 20.35 -0.42 -11.62
C ALA B 276 19.43 -1.60 -11.30
N LEU B 277 18.22 -1.59 -11.86
CA LEU B 277 17.30 -2.70 -11.61
C LEU B 277 17.79 -3.94 -12.36
N GLU B 278 18.41 -3.76 -13.52
CA GLU B 278 18.91 -4.90 -14.28
C GLU B 278 20.25 -5.42 -13.75
N LYS B 279 21.18 -4.52 -13.48
CA LYS B 279 22.48 -4.89 -12.91
C LYS B 279 22.24 -4.74 -11.40
N GLY B 280 21.44 -5.67 -10.87
CA GLY B 280 21.05 -5.64 -9.47
C GLY B 280 22.14 -5.78 -8.45
N VAL B 281 21.74 -5.78 -7.18
CA VAL B 281 22.71 -5.87 -6.11
C VAL B 281 23.45 -7.20 -6.10
N LEU B 282 22.69 -8.30 -6.18
CA LEU B 282 23.29 -9.64 -6.10
C LEU B 282 23.39 -10.48 -7.37
N TYR B 283 22.59 -10.18 -8.39
CA TYR B 283 22.70 -10.94 -9.65
C TYR B 283 22.20 -10.06 -10.79
N ASP B 284 22.41 -10.46 -12.04
CA ASP B 284 21.94 -9.65 -13.16
C ASP B 284 20.68 -10.16 -13.82
N THR B 285 19.71 -9.27 -13.99
CA THR B 285 18.46 -9.63 -14.60
C THR B 285 18.27 -8.79 -15.88
N GLU B 286 17.14 -8.99 -16.56
CA GLU B 286 16.84 -8.28 -17.82
C GLU B 286 15.39 -7.84 -17.82
N ARG B 287 15.03 -6.94 -18.75
CA ARG B 287 13.65 -6.45 -18.86
C ARG B 287 12.67 -7.61 -18.99
N GLU B 288 13.05 -8.58 -19.82
CA GLU B 288 12.21 -9.76 -20.08
C GLU B 288 11.93 -10.59 -18.82
N GLU B 289 12.88 -10.63 -17.90
CA GLU B 289 12.68 -11.36 -16.66
C GLU B 289 11.81 -10.55 -15.72
N LEU B 290 12.20 -9.27 -15.54
CA LEU B 290 11.49 -8.35 -14.66
C LEU B 290 10.01 -8.23 -15.01
N GLU B 291 9.70 -8.29 -16.30
CA GLU B 291 8.31 -8.18 -16.76
C GLU B 291 7.42 -9.26 -16.19
N SER B 292 8.01 -10.39 -15.80
CA SER B 292 7.26 -11.51 -15.25
C SER B 292 7.06 -11.45 -13.74
N ALA B 293 7.54 -10.39 -13.11
CA ALA B 293 7.45 -10.24 -11.65
C ALA B 293 6.04 -10.45 -11.13
N LYS B 294 5.96 -10.92 -9.88
CA LYS B 294 4.65 -11.12 -9.23
C LYS B 294 4.37 -9.95 -8.28
N LYS B 295 5.43 -9.37 -7.72
CA LYS B 295 5.28 -8.22 -6.80
C LYS B 295 6.55 -7.39 -6.92
N SER B 296 6.42 -6.08 -6.71
CA SER B 296 7.58 -5.20 -6.74
C SER B 296 7.29 -4.06 -5.79
N ALA B 297 8.35 -3.38 -5.36
CA ALA B 297 8.20 -2.26 -4.43
C ALA B 297 9.45 -1.41 -4.51
N LEU B 298 9.28 -0.10 -4.46
CA LEU B 298 10.43 0.78 -4.55
C LEU B 298 10.26 1.95 -3.60
N SER B 299 11.32 2.26 -2.88
CA SER B 299 11.23 3.39 -1.99
C SER B 299 12.36 4.34 -2.34
N ILE B 300 12.12 5.63 -2.10
CA ILE B 300 13.13 6.65 -2.33
C ILE B 300 13.41 7.20 -0.94
N VAL B 301 14.66 7.54 -0.68
CA VAL B 301 15.05 8.09 0.60
C VAL B 301 16.00 9.25 0.33
N THR B 302 15.74 10.39 0.95
CA THR B 302 16.64 11.53 0.82
C THR B 302 16.47 12.39 2.06
N SER B 303 17.24 13.48 2.14
CA SER B 303 17.21 14.37 3.30
C SER B 303 16.00 15.29 3.26
N PRO B 304 15.67 15.97 4.37
CA PRO B 304 14.52 16.87 4.41
C PRO B 304 14.69 17.97 3.37
N LEU B 305 15.93 18.43 3.24
CA LEU B 305 16.30 19.47 2.29
C LEU B 305 15.86 19.12 0.87
N ARG B 306 16.35 17.99 0.37
CA ARG B 306 16.03 17.58 -0.98
C ARG B 306 14.61 17.08 -1.23
N ALA B 307 14.02 16.42 -0.24
CA ALA B 307 12.66 15.88 -0.36
C ALA B 307 11.63 16.96 -0.74
N GLY B 308 11.70 18.08 -0.03
CA GLY B 308 10.76 19.15 -0.31
C GLY B 308 10.72 19.65 -1.73
N ARG B 309 11.77 19.41 -2.51
CA ARG B 309 11.79 19.89 -3.88
C ARG B 309 11.63 18.73 -4.86
N LEU B 310 11.95 17.53 -4.39
CA LEU B 310 11.89 16.33 -5.22
C LEU B 310 10.53 15.59 -5.22
N TYR B 311 9.93 15.43 -4.04
CA TYR B 311 8.68 14.70 -3.98
C TYR B 311 7.42 15.40 -4.46
N ASN B 312 7.49 15.92 -5.69
CA ASN B 312 6.37 16.61 -6.32
C ASN B 312 5.61 15.60 -7.15
N PHE B 313 4.48 16.03 -7.70
CA PHE B 313 3.66 15.12 -8.48
C PHE B 313 4.30 14.64 -9.78
N SER B 314 5.14 15.45 -10.41
CA SER B 314 5.79 15.04 -11.63
C SER B 314 6.75 13.88 -11.40
N PHE B 315 7.57 13.97 -10.36
CA PHE B 315 8.53 12.92 -10.03
C PHE B 315 7.80 11.62 -9.68
N LEU B 316 6.80 11.72 -8.80
CA LEU B 316 6.05 10.54 -8.38
C LEU B 316 5.31 9.89 -9.55
N ASN B 317 4.76 10.72 -10.43
CA ASN B 317 4.06 10.20 -11.60
C ASN B 317 5.07 9.42 -12.43
N GLN B 318 6.26 9.99 -12.61
CA GLN B 318 7.28 9.33 -13.42
C GLN B 318 7.74 8.03 -12.80
N MET B 319 7.86 8.02 -11.48
CA MET B 319 8.30 6.80 -10.79
C MET B 319 7.21 5.74 -10.88
N GLU B 320 5.95 6.13 -10.73
CA GLU B 320 4.87 5.15 -10.81
C GLU B 320 4.81 4.54 -12.21
N ASN B 321 5.00 5.37 -13.24
CA ASN B 321 4.98 4.83 -14.60
C ASN B 321 6.19 3.93 -14.84
N PHE B 322 7.31 4.26 -14.19
CA PHE B 322 8.52 3.46 -14.33
C PHE B 322 8.28 1.99 -13.92
N LEU B 323 7.74 1.77 -12.72
CA LEU B 323 7.46 0.41 -12.27
C LEU B 323 6.35 -0.24 -13.06
N LYS B 324 5.37 0.54 -13.47
CA LYS B 324 4.25 0.02 -14.23
C LYS B 324 4.82 -0.56 -15.53
N GLU B 325 5.84 0.11 -16.08
CA GLU B 325 6.49 -0.36 -17.31
C GLU B 325 7.38 -1.58 -17.05
N ARG B 326 8.23 -1.46 -16.02
CA ARG B 326 9.18 -2.52 -15.66
C ARG B 326 8.61 -3.82 -15.13
N THR B 327 7.58 -3.70 -14.28
CA THR B 327 6.89 -4.85 -13.68
C THR B 327 5.39 -4.58 -13.80
N PRO B 328 4.86 -4.64 -15.03
CA PRO B 328 3.45 -4.38 -15.35
C PRO B 328 2.36 -5.30 -14.83
N TYR B 329 2.68 -6.56 -14.56
CA TYR B 329 1.66 -7.52 -14.13
C TYR B 329 1.65 -7.90 -12.65
N VAL B 330 2.37 -7.15 -11.83
CA VAL B 330 2.47 -7.44 -10.41
C VAL B 330 1.15 -7.20 -9.65
N ASP B 331 1.02 -7.87 -8.48
CA ASP B 331 -0.14 -7.69 -7.62
C ASP B 331 -0.13 -6.26 -7.10
N GLU B 332 1.07 -5.78 -6.78
CA GLU B 332 1.22 -4.42 -6.28
C GLU B 332 2.61 -3.92 -6.65
N ARG B 333 2.75 -2.60 -6.74
CA ARG B 333 4.03 -1.98 -7.06
C ARG B 333 4.11 -0.59 -6.43
N PRO B 334 4.07 -0.53 -5.10
CA PRO B 334 4.13 0.77 -4.42
C PRO B 334 5.42 1.56 -4.64
N ILE B 335 5.25 2.87 -4.82
CA ILE B 335 6.37 3.81 -4.97
C ILE B 335 6.25 4.59 -3.66
N ALA B 336 7.17 4.35 -2.73
CA ALA B 336 7.10 4.97 -1.41
C ALA B 336 8.20 5.94 -1.11
N PRO B 337 7.90 7.24 -1.11
CA PRO B 337 8.92 8.25 -0.83
C PRO B 337 9.14 8.43 0.67
N TYR B 338 10.40 8.54 1.09
CA TYR B 338 10.72 8.72 2.51
C TYR B 338 11.71 9.83 2.76
N VAL B 339 11.69 10.35 3.99
CA VAL B 339 12.63 11.37 4.40
C VAL B 339 13.41 10.81 5.57
N ASN B 340 14.74 10.87 5.48
CA ASN B 340 15.58 10.43 6.59
C ASN B 340 15.88 11.74 7.30
N LYS B 341 15.14 12.01 8.37
CA LYS B 341 15.30 13.25 9.12
C LYS B 341 16.68 13.38 9.75
N HIS B 342 17.46 12.32 9.74
CA HIS B 342 18.78 12.37 10.33
C HIS B 342 19.85 12.03 9.32
N THR B 343 19.66 12.46 8.09
CA THR B 343 20.65 12.19 7.06
C THR B 343 21.90 12.97 7.47
N THR B 344 23.09 12.38 7.28
CA THR B 344 24.32 13.06 7.67
C THR B 344 24.62 14.16 6.66
N LYS B 345 25.47 15.10 7.08
CA LYS B 345 25.81 16.19 6.17
C LYS B 345 26.43 15.65 4.87
N LYS B 346 27.27 14.62 4.99
CA LYS B 346 27.93 14.05 3.82
C LYS B 346 27.01 13.38 2.80
N GLU B 347 25.81 12.98 3.21
CA GLU B 347 24.87 12.33 2.29
C GLU B 347 23.60 13.16 2.05
N GLU B 348 23.63 14.40 2.51
CA GLU B 348 22.49 15.31 2.39
C GLU B 348 21.98 15.59 0.98
N ASP B 349 22.86 15.49 -0.01
CA ASP B 349 22.48 15.75 -1.40
C ASP B 349 22.18 14.48 -2.14
N ILE B 350 22.24 13.36 -1.45
CA ILE B 350 22.03 12.08 -2.09
C ILE B 350 20.56 11.67 -2.10
N VAL B 351 20.13 11.07 -3.20
CA VAL B 351 18.76 10.55 -3.32
C VAL B 351 18.99 9.05 -3.52
N LYS B 352 18.48 8.25 -2.58
CA LYS B 352 18.68 6.80 -2.61
C LYS B 352 17.43 6.05 -3.05
N PHE B 353 17.62 5.12 -3.97
CA PHE B 353 16.53 4.28 -4.49
C PHE B 353 16.80 2.84 -4.07
N TYR B 354 15.75 2.17 -3.60
CA TYR B 354 15.83 0.77 -3.16
C TYR B 354 14.64 0.05 -3.74
N SER B 355 14.86 -1.09 -4.39
CA SER B 355 13.71 -1.83 -4.89
C SER B 355 13.88 -3.30 -4.61
N VAL B 356 12.76 -4.01 -4.62
CA VAL B 356 12.71 -5.43 -4.44
C VAL B 356 11.72 -5.85 -5.50
N VAL B 357 12.10 -6.82 -6.32
CA VAL B 357 11.21 -7.36 -7.34
C VAL B 357 11.19 -8.87 -7.10
N ALA B 358 10.01 -9.41 -6.82
CA ALA B 358 9.85 -10.83 -6.49
C ALA B 358 9.05 -11.65 -7.50
N GLY B 359 9.15 -12.98 -7.39
CA GLY B 359 8.44 -13.89 -8.29
C GLY B 359 9.09 -14.00 -9.66
N LEU B 360 10.41 -13.81 -9.72
CA LEU B 360 11.11 -13.86 -10.99
C LEU B 360 11.62 -15.23 -11.44
N PRO B 361 11.91 -15.38 -12.73
CA PRO B 361 12.41 -16.65 -13.25
C PRO B 361 13.91 -16.76 -12.96
N LEU B 362 14.52 -17.90 -13.28
CA LEU B 362 15.96 -18.06 -13.06
C LEU B 362 16.64 -17.13 -14.06
N PRO B 363 17.79 -16.55 -13.68
CA PRO B 363 18.50 -15.64 -14.58
C PRO B 363 19.33 -16.35 -15.63
N LYS B 364 19.82 -15.57 -16.60
CA LYS B 364 20.61 -16.12 -17.69
C LYS B 364 21.88 -16.82 -17.18
N ARG B 365 22.44 -16.35 -16.06
CA ARG B 365 23.64 -16.99 -15.55
C ARG B 365 23.49 -18.50 -15.32
N VAL B 366 22.28 -18.95 -14.98
CA VAL B 366 22.06 -20.37 -14.74
C VAL B 366 22.24 -21.13 -16.06
N SER B 367 21.66 -20.59 -17.12
CA SER B 367 21.77 -21.16 -18.45
C SER B 367 23.22 -21.10 -18.92
N ASP B 368 23.92 -20.01 -18.61
CA ASP B 368 25.32 -19.90 -19.00
C ASP B 368 26.14 -21.00 -18.35
N ILE B 369 25.87 -21.30 -17.09
CA ILE B 369 26.62 -22.36 -16.41
C ILE B 369 26.36 -23.71 -17.08
N ILE B 370 25.12 -23.95 -17.46
CA ILE B 370 24.80 -25.19 -18.13
C ILE B 370 25.62 -25.26 -19.41
N ASP B 371 25.67 -24.15 -20.13
CA ASP B 371 26.43 -24.11 -21.37
C ASP B 371 27.93 -24.29 -21.15
N GLU B 372 28.43 -23.85 -19.99
CA GLU B 372 29.86 -24.02 -19.69
C GLU B 372 30.13 -25.51 -19.45
N ILE B 373 29.17 -26.18 -18.83
CA ILE B 373 29.27 -27.62 -18.53
C ILE B 373 29.25 -28.39 -19.86
N THR B 374 28.20 -28.18 -20.65
CA THR B 374 28.06 -28.82 -21.95
C THR B 374 29.33 -28.59 -22.74
N ARG B 375 29.90 -27.40 -22.60
CA ARG B 375 31.11 -27.01 -23.29
C ARG B 375 32.34 -27.78 -22.79
N ILE B 376 32.49 -27.86 -21.47
CA ILE B 376 33.62 -28.58 -20.90
C ILE B 376 33.57 -30.04 -21.29
N LYS B 377 32.38 -30.62 -21.27
CA LYS B 377 32.24 -32.03 -21.61
C LYS B 377 32.55 -32.32 -23.09
N GLU B 378 32.06 -31.47 -24.00
CA GLU B 378 32.35 -31.71 -25.41
C GLU B 378 33.86 -31.63 -25.60
N GLU B 379 34.47 -30.70 -24.89
CA GLU B 379 35.91 -30.49 -24.96
C GLU B 379 36.68 -31.73 -24.52
N ARG B 380 36.26 -32.35 -23.43
CA ARG B 380 36.92 -33.55 -22.92
C ARG B 380 36.77 -34.62 -24.01
N GLU B 381 35.53 -34.78 -24.47
CA GLU B 381 35.18 -35.74 -25.50
C GLU B 381 36.15 -35.62 -26.68
N GLN B 382 36.54 -34.41 -27.03
CA GLN B 382 37.51 -34.22 -28.10
C GLN B 382 38.85 -34.72 -27.52
N ALA B 383 38.99 -36.04 -27.42
CA ALA B 383 40.19 -36.67 -26.89
C ALA B 383 40.24 -38.13 -27.30
PB GDP C . -7.31 -2.03 4.77
O1B GDP C . -6.86 -1.46 6.10
O2B GDP C . -8.80 -2.07 4.68
O3B GDP C . -6.74 -3.42 4.61
O3A GDP C . -6.72 -1.07 3.59
PA GDP C . -6.77 0.55 3.57
O1A GDP C . -8.01 1.13 4.20
O2A GDP C . -5.52 1.10 4.23
O5' GDP C . -6.71 0.89 1.98
C5' GDP C . -7.76 0.49 1.14
C4' GDP C . -8.01 1.59 0.12
O4' GDP C . -8.56 2.76 0.74
C3' GDP C . -6.74 2.04 -0.58
O3' GDP C . -6.59 1.32 -1.81
C2' GDP C . -6.92 3.53 -0.76
O2' GDP C . -7.41 3.81 -2.07
C1' GDP C . -7.95 3.94 0.25
N9 GDP C . -7.42 4.70 1.42
C8 GDP C . -6.57 4.30 2.39
N7 GDP C . -6.35 5.27 3.31
C5 GDP C . -7.09 6.35 2.94
C6 GDP C . -7.33 7.74 3.47
O6 GDP C . -6.79 8.13 4.53
N1 GDP C . -8.17 8.56 2.76
C2 GDP C . -8.79 8.17 1.60
N2 GDP C . -9.60 9.05 0.95
N3 GDP C . -8.61 6.91 1.07
C4 GDP C . -7.78 5.98 1.69
PB GDP D . 30.54 -27.34 0.82
O1B GDP D . 31.16 -26.98 2.14
O2B GDP D . 29.03 -27.15 0.90
O3B GDP D . 30.86 -28.78 0.48
O3A GDP D . 31.18 -26.40 -0.34
PA GDP D . 31.40 -24.83 -0.21
O1A GDP D . 30.28 -24.16 0.55
O2A GDP D . 32.75 -24.56 0.42
O5' GDP D . 31.48 -24.35 -1.73
C5' GDP D . 30.36 -24.47 -2.59
C4' GDP D . 30.31 -23.23 -3.48
O4' GDP D . 29.93 -22.08 -2.71
C3' GDP D . 31.64 -22.89 -4.10
O3' GDP D . 31.82 -23.56 -5.35
C2' GDP D . 31.61 -21.37 -4.19
O2' GDP D . 31.01 -21.00 -5.43
C1' GDP D . 30.70 -20.92 -3.09
N9 GDP D . 31.32 -20.42 -1.83
C8 GDP D . 32.08 -21.11 -0.92
N7 GDP D . 32.43 -20.31 0.13
C5 GDP D . 31.87 -19.10 -0.10
C6 GDP D . 31.80 -17.80 0.62
O6 GDP D . 32.35 -17.67 1.72
N1 GDP D . 31.13 -16.77 0.03
C2 GDP D . 30.50 -16.90 -1.18
N2 GDP D . 29.86 -15.84 -1.73
N3 GDP D . 30.50 -18.07 -1.87
C4 GDP D . 31.16 -19.18 -1.38
#